data_7O4A
#
_entry.id   7O4A
#
_cell.length_a   178.688
_cell.length_b   178.688
_cell.length_c   223.652
_cell.angle_alpha   90.000
_cell.angle_beta   90.000
_cell.angle_gamma   120.000
#
_symmetry.space_group_name_H-M   'P 64 2 2'
#
loop_
_entity.id
_entity.type
_entity.pdbx_description
1 polymer 'Penicillin-binding protein 1'
2 non-polymer 'Hydrolyzed piperacillin'
#
_entity_poly.entity_id   1
_entity_poly.type   'polypeptide(L)'
_entity_poly.pdbx_seq_one_letter_code
;MRGKIYDRNGKVLAEDVERYKLVAVIDKKASANSKKPRHVVDKKETAKKLSTVINMKPEEIEKRLSQKKAFQIEFGRKGT
NLTYQDKLKIEKMNLPGISLLPETERFYPNGNFASHLIGRAQKNPDTGELKGALGVEKIFDSYLSGSKGSLRYIHDIWGY
IAPNTKKEKQPKRGDDVHLTIDSNIQVFVEEALDGMVERYQPKDLFAVVMDAKTGEILAYSQRPTFNPETGKDFGKKWAN
DLYQNTYEPGSTFKSYGLAAAIQEGAFDPDKKYKSGHRDIMGSRISDWNRVGWGEIPMSLGFTYSSNTLMMHLQDLVGAD
KMKSWYERFGFGKSTKGMFDGEAPGQIGWSNELQQKTSSFGQSTTVTPVQMLQAQSAFFNDGNMLKPWFVNSVENPVSKR
QFYKGQKQIAGKPITKDTAEKVEKQLDLVVNSKKSHAANYRIDGYEVEGKTGTAQVAAPNGGGYVKGPNPYFVSFMGDAP
KKNPKVIVYAGMSLAQKNDQEAYELGVSKAFKPIMENTLKYLNVGKSKDDTSNAEYSKVPDVEGQDKQKAIDNVSAKSLE
PVTIGSGTQIKAQSIKAGNKVLPHSKVLLLTDGDLTMPDMSGWTKEDVIAFENLTNIKVNLKGSGFVSHQSISKGQKLTE
KDKIDVEFSS
;
_entity_poly.pdbx_strand_id   AAA,BBB
#
loop_
_chem_comp.id
_chem_comp.type
_chem_comp.name
_chem_comp.formula
YPP non-polymer 'Hydrolyzed piperacillin' 'C23 H29 N5 O8 S'
#
# COMPACT_ATOMS: atom_id res chain seq x y z
N MET A 1 22.30 0.69 12.58
CA MET A 1 22.32 -0.53 11.70
C MET A 1 21.43 -0.27 10.48
N ARG A 2 21.71 -0.92 9.38
CA ARG A 2 20.87 -0.84 8.15
C ARG A 2 19.87 -1.98 8.21
N GLY A 3 18.72 -1.77 7.57
CA GLY A 3 17.60 -2.72 7.59
C GLY A 3 18.00 -4.06 7.05
N LYS A 4 17.11 -5.04 7.18
CA LYS A 4 17.29 -6.35 6.55
C LYS A 4 16.27 -6.44 5.42
N ILE A 5 16.65 -7.09 4.33
CA ILE A 5 15.72 -7.57 3.29
C ILE A 5 15.47 -9.02 3.63
N TYR A 6 14.20 -9.38 3.77
CA TYR A 6 13.77 -10.75 4.11
C TYR A 6 13.04 -11.31 2.90
N ASP A 7 12.92 -12.63 2.87
CA ASP A 7 12.02 -13.36 1.94
C ASP A 7 10.63 -13.35 2.58
N ARG A 8 9.67 -14.05 1.97
CA ARG A 8 8.24 -14.13 2.40
C ARG A 8 8.14 -14.93 3.71
N ASN A 9 9.07 -15.87 3.91
CA ASN A 9 9.19 -16.72 5.13
C ASN A 9 10.17 -16.11 6.13
N GLY A 10 10.44 -14.80 6.06
CA GLY A 10 11.40 -14.11 6.93
C GLY A 10 12.82 -14.72 6.93
N LYS A 11 13.17 -15.59 5.97
CA LYS A 11 14.58 -16.00 5.72
C LYS A 11 15.35 -14.79 5.23
N VAL A 12 16.59 -14.63 5.68
CA VAL A 12 17.36 -13.38 5.43
C VAL A 12 17.91 -13.45 4.01
N LEU A 13 17.81 -12.33 3.30
CA LEU A 13 18.30 -12.17 1.91
C LEU A 13 19.44 -11.15 1.92
N ALA A 14 19.39 -10.18 2.84
CA ALA A 14 20.49 -9.21 3.06
C ALA A 14 20.42 -8.64 4.47
N GLU A 15 21.58 -8.48 5.11
CA GLU A 15 21.69 -7.95 6.50
C GLU A 15 23.05 -7.28 6.64
N ASP A 16 23.22 -6.46 7.68
CA ASP A 16 24.54 -5.94 8.08
C ASP A 16 25.24 -7.02 8.90
N VAL A 17 26.56 -7.13 8.76
CA VAL A 17 27.44 -7.91 9.70
C VAL A 17 28.64 -7.04 10.06
N GLU A 18 29.24 -7.33 11.22
CA GLU A 18 30.58 -6.81 11.64
C GLU A 18 31.62 -7.81 11.12
N ARG A 19 32.56 -7.31 10.33
CA ARG A 19 33.73 -8.06 9.85
C ARG A 19 34.94 -7.25 10.31
N TYR A 20 36.15 -7.64 9.87
CA TYR A 20 37.41 -7.06 10.37
C TYR A 20 38.38 -6.85 9.23
N LYS A 21 39.37 -5.97 9.47
CA LYS A 21 40.38 -5.53 8.49
C LYS A 21 41.72 -5.53 9.18
N LEU A 22 42.71 -6.12 8.55
CA LEU A 22 44.07 -6.27 9.12
C LEU A 22 44.81 -4.95 8.99
N VAL A 23 45.56 -4.57 10.04
CA VAL A 23 46.46 -3.38 9.99
C VAL A 23 47.73 -3.68 10.81
N ALA A 24 48.88 -3.32 10.24
CA ALA A 24 50.24 -3.57 10.76
C ALA A 24 50.96 -2.23 10.95
N VAL A 25 51.48 -1.98 12.16
CA VAL A 25 52.31 -0.77 12.46
C VAL A 25 53.79 -1.15 12.27
N ILE A 26 54.40 -0.65 11.20
CA ILE A 26 55.70 -1.15 10.63
C ILE A 26 56.87 -0.28 11.13
N ASP A 27 56.57 0.91 11.64
CA ASP A 27 57.56 1.98 11.95
C ASP A 27 57.72 2.11 13.46
N LYS A 28 58.98 2.22 13.90
CA LYS A 28 59.43 1.99 15.30
C LYS A 28 58.71 2.92 16.27
N LYS A 29 58.10 3.98 15.72
CA LYS A 29 57.88 5.28 16.40
C LYS A 29 56.77 5.10 17.44
N ALA A 30 56.02 4.01 17.27
CA ALA A 30 54.81 3.66 18.04
C ALA A 30 55.17 3.21 19.46
N SER A 31 56.44 2.93 19.73
CA SER A 31 56.86 2.24 20.98
C SER A 31 58.09 2.90 21.61
N ALA A 32 58.31 4.19 21.31
CA ALA A 32 59.28 5.06 22.00
C ALA A 32 58.79 5.31 23.43
N ASN A 33 57.47 5.41 23.61
CA ASN A 33 56.82 5.74 24.92
C ASN A 33 56.00 4.52 25.34
N SER A 34 56.56 3.31 25.25
CA SER A 34 55.82 2.07 25.56
C SER A 34 56.76 0.94 25.99
N LYS A 35 56.30 0.12 26.95
CA LYS A 35 56.97 -1.12 27.44
C LYS A 35 56.89 -2.18 26.35
N LYS A 36 55.72 -2.81 26.16
CA LYS A 36 55.47 -3.72 25.02
C LYS A 36 55.65 -2.92 23.71
N PRO A 37 56.29 -3.50 22.67
CA PRO A 37 56.38 -2.85 21.36
C PRO A 37 54.98 -2.76 20.73
N ARG A 38 54.72 -1.68 20.02
CA ARG A 38 53.41 -1.44 19.37
C ARG A 38 53.62 -1.55 17.86
N HIS A 39 54.75 -2.11 17.43
CA HIS A 39 55.15 -2.18 16.00
C HIS A 39 55.72 -3.57 15.69
N VAL A 40 55.59 -4.04 14.43
CA VAL A 40 56.04 -5.40 13.98
C VAL A 40 57.56 -5.44 14.11
N VAL A 41 58.09 -6.49 14.74
CA VAL A 41 59.54 -6.60 15.03
C VAL A 41 60.10 -7.69 14.12
N ASP A 42 59.80 -8.98 14.29
CA ASP A 42 60.32 -10.01 13.35
C ASP A 42 59.41 -9.96 12.12
N LYS A 43 59.72 -9.07 11.17
CA LYS A 43 58.96 -8.82 9.91
C LYS A 43 58.89 -10.10 9.05
N LYS A 44 59.76 -11.08 9.28
CA LYS A 44 59.77 -12.38 8.57
C LYS A 44 58.83 -13.37 9.28
N GLU A 45 58.94 -13.44 10.61
CA GLU A 45 58.33 -14.45 11.51
C GLU A 45 56.86 -14.07 11.82
N THR A 46 56.53 -12.77 11.79
CA THR A 46 55.15 -12.22 11.89
C THR A 46 54.45 -12.43 10.54
N ALA A 47 55.20 -12.30 9.44
CA ALA A 47 54.74 -12.50 8.04
C ALA A 47 54.37 -13.96 7.78
N LYS A 48 55.17 -14.87 8.35
CA LYS A 48 55.00 -16.35 8.33
C LYS A 48 53.65 -16.72 8.98
N LYS A 49 53.47 -16.30 10.23
CA LYS A 49 52.34 -16.74 11.10
C LYS A 49 51.03 -16.21 10.53
N LEU A 50 51.08 -15.01 9.94
CA LEU A 50 49.92 -14.29 9.36
C LEU A 50 49.43 -15.02 8.11
N SER A 51 50.35 -15.61 7.34
CA SER A 51 50.05 -16.56 6.23
C SER A 51 49.19 -17.71 6.76
N THR A 52 48.55 -18.43 5.84
CA THR A 52 47.60 -19.55 6.11
C THR A 52 46.25 -18.99 6.62
N VAL A 53 46.27 -18.17 7.67
CA VAL A 53 45.07 -17.47 8.20
C VAL A 53 44.66 -16.36 7.21
N ILE A 54 45.61 -15.72 6.53
CA ILE A 54 45.35 -14.83 5.36
C ILE A 54 45.67 -15.58 4.06
N ASN A 55 44.96 -15.24 2.98
CA ASN A 55 45.10 -15.86 1.64
C ASN A 55 46.16 -15.10 0.84
N MET A 56 47.26 -14.78 1.52
CA MET A 56 48.45 -14.12 0.94
C MET A 56 49.67 -14.98 1.28
N LYS A 57 50.76 -14.79 0.54
CA LYS A 57 52.01 -15.55 0.63
C LYS A 57 52.97 -14.83 1.60
N PRO A 58 53.78 -15.56 2.40
CA PRO A 58 54.65 -14.92 3.40
C PRO A 58 55.70 -14.02 2.74
N GLU A 59 55.92 -14.21 1.44
CA GLU A 59 56.74 -13.36 0.55
C GLU A 59 56.11 -11.97 0.46
N GLU A 60 54.84 -11.92 0.03
CA GLU A 60 54.08 -10.69 -0.29
C GLU A 60 53.66 -9.99 1.01
N ILE A 61 53.49 -10.76 2.10
CA ILE A 61 53.19 -10.18 3.45
C ILE A 61 54.37 -9.28 3.85
N GLU A 62 55.61 -9.75 3.71
CA GLU A 62 56.83 -8.92 3.99
C GLU A 62 56.91 -7.77 2.98
N LYS A 63 56.62 -8.03 1.70
CA LYS A 63 56.66 -7.03 0.61
C LYS A 63 55.88 -5.79 1.06
N ARG A 64 54.68 -5.99 1.65
CA ARG A 64 53.76 -4.90 2.09
C ARG A 64 54.20 -4.37 3.46
N LEU A 65 54.98 -5.16 4.24
CA LEU A 65 55.44 -4.79 5.62
C LEU A 65 56.71 -3.94 5.53
N SER A 66 57.45 -3.99 4.42
CA SER A 66 58.77 -3.33 4.23
C SER A 66 58.64 -2.05 3.40
N GLN A 67 57.42 -1.58 3.11
CA GLN A 67 57.16 -0.19 2.63
C GLN A 67 57.67 0.81 3.67
N LYS A 68 58.11 1.99 3.23
CA LYS A 68 58.82 3.01 4.05
C LYS A 68 57.97 4.28 4.11
N LYS A 69 58.44 5.29 4.86
CA LYS A 69 57.76 6.59 5.16
C LYS A 69 56.26 6.36 5.40
N ALA A 70 55.89 5.16 5.84
CA ALA A 70 54.50 4.67 6.08
C ALA A 70 54.42 4.14 7.51
N PHE A 71 53.44 4.58 8.30
CA PHE A 71 53.36 4.26 9.74
C PHE A 71 52.52 3.00 9.96
N GLN A 72 51.57 2.73 9.08
CA GLN A 72 50.32 1.94 9.35
C GLN A 72 49.86 1.34 8.02
N ILE A 73 50.16 0.06 7.71
CA ILE A 73 49.85 -0.49 6.35
C ILE A 73 48.68 -1.48 6.44
N GLU A 74 47.98 -1.64 5.30
CA GLU A 74 46.81 -2.53 5.05
C GLU A 74 47.15 -3.52 3.92
N PHE A 75 46.20 -4.39 3.54
CA PHE A 75 46.46 -5.58 2.69
C PHE A 75 45.35 -5.77 1.66
N GLY A 76 44.99 -4.70 0.94
CA GLY A 76 44.03 -4.72 -0.18
C GLY A 76 42.77 -5.49 0.15
N ARG A 77 42.19 -6.17 -0.84
CA ARG A 77 40.96 -6.99 -0.72
C ARG A 77 41.17 -8.20 0.22
N LYS A 78 42.38 -8.74 0.28
CA LYS A 78 42.69 -10.12 0.76
C LYS A 78 42.72 -10.15 2.30
N GLY A 79 42.92 -8.97 2.91
CA GLY A 79 42.99 -8.76 4.38
C GLY A 79 41.94 -7.76 4.84
N THR A 80 40.73 -7.89 4.26
CA THR A 80 39.50 -7.14 4.63
C THR A 80 38.32 -8.11 4.62
N ASN A 81 37.18 -7.75 5.24
CA ASN A 81 35.94 -8.58 5.28
C ASN A 81 36.27 -9.94 5.94
N LEU A 82 37.06 -9.94 7.02
CA LEU A 82 37.54 -11.16 7.75
C LEU A 82 36.58 -11.47 8.89
N THR A 83 36.34 -12.77 9.16
CA THR A 83 35.30 -13.29 10.10
C THR A 83 35.75 -13.11 11.56
N TYR A 84 34.90 -13.46 12.52
CA TYR A 84 35.16 -13.20 13.95
C TYR A 84 36.25 -14.15 14.45
N GLN A 85 36.19 -15.44 14.09
CA GLN A 85 37.23 -16.44 14.51
C GLN A 85 38.51 -16.22 13.68
N ASP A 86 38.39 -15.75 12.43
CA ASP A 86 39.52 -15.29 11.58
C ASP A 86 40.37 -14.30 12.38
N LYS A 87 39.71 -13.50 13.23
CA LYS A 87 40.34 -12.49 14.12
C LYS A 87 40.93 -13.22 15.34
N LEU A 88 40.14 -14.06 16.01
CA LEU A 88 40.56 -14.75 17.27
C LEU A 88 41.87 -15.51 17.03
N LYS A 89 42.07 -16.07 15.82
CA LYS A 89 43.33 -16.76 15.39
C LYS A 89 44.50 -15.76 15.39
N ILE A 90 44.37 -14.66 14.65
CA ILE A 90 45.44 -13.63 14.52
C ILE A 90 45.65 -12.97 15.88
N GLU A 91 44.58 -12.77 16.65
CA GLU A 91 44.64 -12.15 17.99
C GLU A 91 45.43 -13.06 18.92
N LYS A 92 45.24 -14.38 18.83
CA LYS A 92 45.97 -15.33 19.71
C LYS A 92 47.47 -15.29 19.38
N MET A 93 47.86 -15.03 18.12
CA MET A 93 49.28 -14.93 17.69
C MET A 93 49.99 -13.74 18.37
N ASN A 94 49.28 -12.88 19.11
CA ASN A 94 49.83 -11.78 19.97
C ASN A 94 50.99 -11.07 19.27
N LEU A 95 50.88 -10.90 17.95
CA LEU A 95 51.89 -10.25 17.08
C LEU A 95 51.91 -8.74 17.41
N PRO A 96 53.10 -8.09 17.43
CA PRO A 96 53.18 -6.66 17.74
C PRO A 96 52.97 -5.81 16.48
N GLY A 97 52.28 -4.67 16.60
CA GLY A 97 51.92 -3.74 15.50
C GLY A 97 50.64 -4.18 14.82
N ILE A 98 50.39 -5.48 14.81
CA ILE A 98 49.21 -6.12 14.15
C ILE A 98 47.98 -5.83 15.00
N SER A 99 46.95 -5.25 14.38
CA SER A 99 45.64 -4.88 14.99
C SER A 99 44.53 -5.35 14.06
N LEU A 100 43.32 -5.50 14.58
CA LEU A 100 42.14 -5.87 13.74
C LEU A 100 41.02 -4.85 13.95
N LEU A 101 40.75 -4.05 12.92
CA LEU A 101 39.78 -2.92 12.95
C LEU A 101 38.43 -3.44 12.43
N PRO A 102 37.34 -3.27 13.21
CA PRO A 102 36.03 -3.82 12.87
C PRO A 102 35.27 -2.90 11.91
N GLU A 103 35.02 -3.40 10.71
CA GLU A 103 34.27 -2.68 9.67
C GLU A 103 33.00 -3.50 9.42
N THR A 104 31.85 -2.80 9.36
CA THR A 104 30.50 -3.37 9.12
C THR A 104 30.30 -3.52 7.61
N GLU A 105 29.88 -4.71 7.17
CA GLU A 105 29.76 -5.10 5.73
C GLU A 105 28.36 -5.63 5.47
N ARG A 106 27.80 -5.31 4.30
CA ARG A 106 26.47 -5.81 3.88
C ARG A 106 26.65 -7.25 3.43
N PHE A 107 25.81 -8.15 3.94
CA PHE A 107 25.98 -9.61 3.77
C PHE A 107 24.73 -10.19 3.10
N TYR A 108 24.93 -10.88 1.97
CA TYR A 108 23.91 -11.56 1.13
C TYR A 108 24.12 -13.07 1.26
N PRO A 109 23.48 -13.70 2.26
CA PRO A 109 23.67 -15.12 2.58
C PRO A 109 23.72 -16.17 1.47
N ASN A 110 22.91 -16.03 0.42
CA ASN A 110 22.81 -17.05 -0.66
C ASN A 110 23.65 -16.61 -1.84
N GLY A 111 24.30 -15.44 -1.73
CA GLY A 111 25.24 -14.89 -2.73
C GLY A 111 24.50 -14.48 -3.98
N ASN A 112 24.83 -15.11 -5.11
CA ASN A 112 24.14 -14.86 -6.40
C ASN A 112 22.75 -15.51 -6.32
N PHE A 113 21.74 -14.68 -6.03
CA PHE A 113 20.39 -15.09 -5.61
C PHE A 113 19.46 -13.90 -5.84
N ALA A 114 18.61 -13.96 -6.86
CA ALA A 114 17.66 -12.87 -7.14
C ALA A 114 18.47 -11.57 -7.18
N SER A 115 19.69 -11.67 -7.70
CA SER A 115 20.71 -10.60 -7.57
C SER A 115 20.18 -9.31 -8.20
N HIS A 116 19.37 -9.43 -9.26
CA HIS A 116 18.89 -8.26 -10.04
C HIS A 116 17.67 -7.63 -9.36
N LEU A 117 16.88 -8.42 -8.62
CA LEU A 117 15.75 -7.91 -7.80
C LEU A 117 16.25 -7.24 -6.52
N ILE A 118 17.00 -7.98 -5.72
CA ILE A 118 17.50 -7.54 -4.38
C ILE A 118 18.43 -6.34 -4.53
N GLY A 119 19.30 -6.40 -5.53
CA GLY A 119 20.29 -5.35 -5.79
C GLY A 119 21.45 -5.45 -4.82
N ARG A 120 22.07 -4.33 -4.51
CA ARG A 120 23.36 -4.29 -3.79
C ARG A 120 23.61 -2.89 -3.25
N ALA A 121 24.18 -2.81 -2.06
CA ALA A 121 24.61 -1.56 -1.43
C ALA A 121 26.14 -1.52 -1.40
N GLN A 122 26.68 -0.35 -1.74
CA GLN A 122 28.14 -0.11 -1.77
C GLN A 122 28.48 0.72 -0.54
N LYS A 123 29.67 0.52 -0.01
CA LYS A 123 30.12 1.16 1.26
C LYS A 123 31.13 2.24 0.91
N ASN A 124 30.99 3.40 1.55
CA ASN A 124 31.97 4.52 1.51
C ASN A 124 33.07 4.18 2.50
N PRO A 125 34.31 3.85 2.05
CA PRO A 125 35.41 3.59 2.99
C PRO A 125 35.49 4.54 4.21
N ASP A 126 35.31 5.85 4.00
CA ASP A 126 35.58 6.91 5.02
C ASP A 126 34.59 6.77 6.18
N THR A 127 33.30 6.95 5.92
CA THR A 127 32.22 6.90 6.95
C THR A 127 31.75 5.46 7.17
N GLY A 128 32.13 4.52 6.30
CA GLY A 128 31.61 3.14 6.32
C GLY A 128 30.12 3.08 5.97
N GLU A 129 29.56 4.18 5.46
CA GLU A 129 28.12 4.35 5.14
C GLU A 129 27.78 3.51 3.91
N LEU A 130 26.71 2.73 4.02
CA LEU A 130 26.20 1.85 2.95
C LEU A 130 25.10 2.58 2.20
N LYS A 131 25.23 2.67 0.86
CA LYS A 131 24.18 3.24 -0.04
C LYS A 131 23.77 2.23 -1.12
N GLY A 132 22.46 2.00 -1.27
CA GLY A 132 21.84 1.14 -2.30
C GLY A 132 22.14 1.64 -3.71
N ALA A 133 22.45 0.72 -4.61
CA ALA A 133 23.02 0.98 -5.95
C ALA A 133 22.18 0.36 -7.08
N LEU A 134 21.25 -0.52 -6.73
CA LEU A 134 20.38 -1.24 -7.68
C LEU A 134 19.36 -2.02 -6.88
N GLY A 135 18.22 -2.31 -7.51
CA GLY A 135 17.22 -3.25 -6.96
C GLY A 135 16.70 -2.74 -5.63
N VAL A 136 16.14 -3.65 -4.83
CA VAL A 136 15.43 -3.30 -3.56
C VAL A 136 16.33 -2.32 -2.78
N GLU A 137 17.62 -2.64 -2.63
CA GLU A 137 18.57 -1.85 -1.83
C GLU A 137 18.52 -0.37 -2.24
N LYS A 138 18.50 -0.07 -3.53
CA LYS A 138 18.51 1.33 -4.01
C LYS A 138 17.13 1.94 -3.90
N ILE A 139 16.12 1.16 -4.28
CA ILE A 139 14.71 1.61 -4.26
C ILE A 139 14.40 2.17 -2.88
N PHE A 140 14.65 1.40 -1.83
CA PHE A 140 14.24 1.68 -0.44
C PHE A 140 15.41 2.23 0.39
N ASP A 141 16.42 2.81 -0.24
CA ASP A 141 17.66 3.18 0.49
C ASP A 141 17.24 3.90 1.78
N SER A 142 16.42 4.96 1.67
CA SER A 142 15.90 5.74 2.82
C SER A 142 15.45 4.84 3.97
N TYR A 143 14.64 3.85 3.65
CA TYR A 143 13.89 3.05 4.65
C TYR A 143 14.86 2.06 5.31
N LEU A 144 15.68 1.40 4.50
CA LEU A 144 16.70 0.45 4.98
C LEU A 144 17.75 1.16 5.83
N SER A 145 18.23 2.34 5.43
CA SER A 145 19.32 3.03 6.16
C SER A 145 18.76 3.62 7.45
N GLY A 146 19.55 3.57 8.53
CA GLY A 146 19.21 4.13 9.85
C GLY A 146 19.68 5.57 9.99
N SER A 147 20.23 6.15 8.92
CA SER A 147 20.75 7.54 8.82
C SER A 147 19.69 8.49 8.24
N LYS A 148 18.51 7.97 7.85
CA LYS A 148 17.54 8.68 6.98
C LYS A 148 16.11 8.24 7.31
N GLN A 170 21.43 8.21 20.32
CA GLN A 170 21.54 6.74 20.11
C GLN A 170 21.80 6.46 18.62
N PRO A 171 22.63 5.46 18.25
CA PRO A 171 22.68 4.99 16.85
C PRO A 171 21.47 4.09 16.57
N LYS A 172 20.63 4.51 15.60
CA LYS A 172 19.29 3.93 15.31
C LYS A 172 19.38 2.92 14.16
N ARG A 173 18.51 1.92 14.24
CA ARG A 173 18.40 0.79 13.29
C ARG A 173 17.47 1.19 12.13
N GLY A 174 17.81 0.79 10.90
CA GLY A 174 16.97 1.00 9.70
C GLY A 174 15.70 0.17 9.76
N ASP A 175 14.94 0.13 8.66
CA ASP A 175 13.64 -0.58 8.57
C ASP A 175 13.83 -1.82 7.70
N ASP A 176 13.16 -2.90 8.03
CA ASP A 176 13.21 -4.17 7.27
C ASP A 176 12.32 -4.02 6.02
N VAL A 177 12.57 -4.84 4.99
CA VAL A 177 11.77 -4.92 3.72
C VAL A 177 11.52 -6.40 3.38
N HIS A 178 10.26 -6.81 3.40
CA HIS A 178 9.83 -8.20 3.16
C HIS A 178 9.42 -8.31 1.69
N LEU A 179 10.06 -9.23 0.97
CA LEU A 179 9.73 -9.53 -0.44
C LEU A 179 8.78 -10.71 -0.45
N THR A 180 8.14 -10.93 -1.60
CA THR A 180 7.18 -12.03 -1.83
C THR A 180 7.96 -13.21 -2.37
N ILE A 181 9.26 -13.05 -2.61
CA ILE A 181 10.21 -14.14 -3.00
C ILE A 181 10.08 -15.28 -2.00
N ASP A 182 10.14 -16.52 -2.48
CA ASP A 182 10.24 -17.72 -1.65
C ASP A 182 11.59 -18.38 -1.95
N SER A 183 12.54 -18.29 -1.03
CA SER A 183 13.94 -18.75 -1.24
C SER A 183 13.93 -20.16 -1.86
N ASN A 184 12.97 -21.02 -1.50
CA ASN A 184 12.90 -22.47 -1.89
C ASN A 184 12.58 -22.64 -3.36
N ILE A 185 11.71 -21.78 -3.89
CA ILE A 185 11.37 -21.74 -5.35
C ILE A 185 12.56 -21.07 -6.02
N GLN A 186 12.89 -19.87 -5.55
CA GLN A 186 13.92 -18.99 -6.11
C GLN A 186 15.19 -19.80 -6.35
N VAL A 187 15.35 -20.88 -5.59
CA VAL A 187 16.40 -21.92 -5.79
C VAL A 187 16.18 -22.58 -7.15
N PHE A 188 15.10 -23.35 -7.28
CA PHE A 188 14.78 -24.15 -8.49
C PHE A 188 15.09 -23.29 -9.72
N VAL A 189 14.73 -22.01 -9.67
CA VAL A 189 14.91 -21.01 -10.76
C VAL A 189 16.40 -20.73 -11.00
N GLU A 190 17.14 -20.38 -9.95
CA GLU A 190 18.57 -20.01 -10.07
C GLU A 190 19.36 -21.21 -10.64
N GLU A 191 18.88 -22.43 -10.37
CA GLU A 191 19.53 -23.70 -10.81
C GLU A 191 19.31 -23.91 -12.30
N ALA A 192 18.04 -23.89 -12.72
CA ALA A 192 17.61 -24.13 -14.10
C ALA A 192 18.25 -23.08 -15.02
N LEU A 193 18.26 -21.81 -14.60
CA LEU A 193 18.88 -20.68 -15.35
C LEU A 193 20.38 -20.95 -15.58
N ASP A 194 21.09 -21.45 -14.57
CA ASP A 194 22.51 -21.92 -14.68
C ASP A 194 22.61 -22.97 -15.78
N GLY A 195 21.70 -23.94 -15.77
CA GLY A 195 21.64 -25.06 -16.74
C GLY A 195 21.48 -24.56 -18.15
N MET A 196 20.86 -23.39 -18.36
CA MET A 196 20.63 -22.84 -19.71
C MET A 196 21.91 -22.16 -20.20
N VAL A 197 22.66 -21.49 -19.31
CA VAL A 197 23.89 -20.76 -19.69
C VAL A 197 24.99 -21.78 -19.99
N GLU A 198 24.91 -22.98 -19.40
CA GLU A 198 25.73 -24.14 -19.80
C GLU A 198 25.34 -24.48 -21.25
N ARG A 199 24.06 -24.79 -21.50
CA ARG A 199 23.59 -25.45 -22.75
C ARG A 199 23.58 -24.48 -23.93
N TYR A 200 23.21 -23.21 -23.75
CA TYR A 200 22.90 -22.27 -24.87
C TYR A 200 23.68 -20.96 -24.77
N GLN A 201 24.37 -20.71 -23.66
CA GLN A 201 25.12 -19.46 -23.41
C GLN A 201 24.44 -18.27 -24.09
N PRO A 202 23.21 -17.92 -23.70
CA PRO A 202 22.46 -16.88 -24.38
C PRO A 202 23.04 -15.51 -23.99
N LYS A 203 22.63 -14.46 -24.70
CA LYS A 203 23.03 -13.06 -24.45
C LYS A 203 22.15 -12.46 -23.33
N ASP A 204 20.99 -13.07 -23.11
CA ASP A 204 20.00 -12.64 -22.11
C ASP A 204 19.08 -13.83 -21.85
N LEU A 205 18.54 -13.88 -20.65
CA LEU A 205 17.72 -15.01 -20.15
C LEU A 205 17.06 -14.53 -18.87
N PHE A 206 15.85 -15.01 -18.60
CA PHE A 206 15.10 -14.71 -17.37
C PHE A 206 14.01 -15.75 -17.18
N ALA A 207 13.72 -16.04 -15.93
CA ALA A 207 12.51 -16.77 -15.51
C ALA A 207 11.83 -15.96 -14.41
N VAL A 208 10.53 -16.13 -14.28
CA VAL A 208 9.75 -15.57 -13.16
C VAL A 208 8.61 -16.54 -12.85
N VAL A 209 8.41 -16.77 -11.57
CA VAL A 209 7.21 -17.47 -11.02
C VAL A 209 6.33 -16.41 -10.36
N MET A 210 5.03 -16.53 -10.56
CA MET A 210 4.03 -15.59 -10.02
C MET A 210 2.83 -16.39 -9.58
N ASP A 211 2.34 -16.11 -8.38
CA ASP A 211 1.09 -16.73 -7.87
C ASP A 211 -0.03 -16.29 -8.82
N ALA A 212 -0.66 -17.27 -9.45
CA ALA A 212 -1.77 -17.11 -10.42
C ALA A 212 -2.85 -16.22 -9.82
N LYS A 213 -3.05 -16.26 -8.50
CA LYS A 213 -4.28 -15.75 -7.82
C LYS A 213 -3.99 -14.45 -7.06
N THR A 214 -2.78 -13.90 -7.12
CA THR A 214 -2.38 -12.76 -6.26
C THR A 214 -1.51 -11.75 -7.03
N GLY A 215 -0.58 -12.25 -7.85
CA GLY A 215 0.37 -11.39 -8.58
C GLY A 215 1.64 -11.22 -7.80
N GLU A 216 1.78 -12.00 -6.74
CA GLU A 216 3.03 -12.09 -5.94
C GLU A 216 4.08 -12.77 -6.82
N ILE A 217 5.27 -12.17 -6.87
CA ILE A 217 6.45 -12.79 -7.54
C ILE A 217 7.05 -13.77 -6.55
N LEU A 218 6.90 -15.07 -6.78
CA LEU A 218 7.43 -16.12 -5.86
C LEU A 218 8.92 -16.35 -6.09
N ALA A 219 9.38 -16.21 -7.33
CA ALA A 219 10.81 -16.29 -7.70
C ALA A 219 11.07 -15.49 -8.97
N TYR A 220 12.29 -14.98 -9.13
CA TYR A 220 12.73 -14.27 -10.35
C TYR A 220 14.25 -14.15 -10.37
N SER A 221 14.86 -14.54 -11.48
CA SER A 221 16.29 -14.37 -11.78
C SER A 221 16.47 -14.11 -13.28
N GLN A 222 17.64 -13.59 -13.64
CA GLN A 222 18.03 -13.29 -15.02
C GLN A 222 19.51 -13.68 -15.19
N ARG A 223 19.96 -13.77 -16.44
CA ARG A 223 21.37 -13.93 -16.86
C ARG A 223 21.63 -13.02 -18.05
N PRO A 224 22.77 -12.32 -18.12
CA PRO A 224 23.80 -12.39 -17.07
C PRO A 224 23.31 -11.58 -15.86
N THR A 225 23.80 -11.89 -14.65
CA THR A 225 23.56 -11.05 -13.45
C THR A 225 24.93 -10.86 -12.76
N PHE A 226 24.92 -10.51 -11.48
CA PHE A 226 26.11 -10.23 -10.63
C PHE A 226 25.89 -10.92 -9.27
N ASN A 227 26.95 -11.02 -8.47
CA ASN A 227 26.91 -11.61 -7.10
C ASN A 227 27.06 -10.49 -6.09
N PRO A 228 25.99 -10.11 -5.36
CA PRO A 228 26.00 -8.88 -4.55
C PRO A 228 26.96 -8.99 -3.37
N GLU A 229 27.22 -10.20 -2.87
CA GLU A 229 28.20 -10.44 -1.78
C GLU A 229 29.57 -9.92 -2.22
N THR A 230 30.06 -10.47 -3.33
CA THR A 230 31.42 -10.25 -3.90
C THR A 230 31.51 -8.92 -4.65
N GLY A 231 30.46 -8.55 -5.40
CA GLY A 231 30.44 -7.38 -6.30
C GLY A 231 30.85 -7.75 -7.71
N LYS A 232 30.94 -9.05 -8.00
CA LYS A 232 31.38 -9.63 -9.29
C LYS A 232 30.36 -9.27 -10.38
N ASP A 233 30.79 -8.57 -11.42
CA ASP A 233 29.99 -8.29 -12.64
C ASP A 233 28.89 -7.28 -12.31
N PHE A 234 28.93 -6.69 -11.11
CA PHE A 234 28.06 -5.53 -10.81
C PHE A 234 28.38 -4.42 -11.80
N GLY A 235 27.36 -3.71 -12.30
CA GLY A 235 27.45 -2.87 -13.51
C GLY A 235 27.07 -3.73 -14.69
N LYS A 236 27.90 -3.82 -15.71
CA LYS A 236 27.61 -4.70 -16.88
C LYS A 236 26.13 -4.47 -17.23
N LYS A 237 25.31 -5.51 -17.07
CA LYS A 237 23.83 -5.38 -17.28
C LYS A 237 23.24 -4.64 -16.07
N TRP A 238 23.12 -3.31 -16.15
CA TRP A 238 22.49 -2.49 -15.10
C TRP A 238 20.99 -2.80 -15.01
N ALA A 239 20.39 -3.36 -16.05
CA ALA A 239 18.93 -3.33 -16.22
C ALA A 239 18.31 -4.62 -15.70
N ASN A 240 17.29 -4.50 -14.85
CA ASN A 240 16.41 -5.61 -14.42
C ASN A 240 15.53 -6.03 -15.61
N ASP A 241 15.49 -7.33 -15.93
CA ASP A 241 14.74 -7.82 -17.10
C ASP A 241 13.25 -7.58 -16.82
N LEU A 242 12.75 -8.04 -15.68
CA LEU A 242 11.31 -8.08 -15.35
C LEU A 242 10.65 -6.70 -15.51
N TYR A 243 11.33 -5.64 -15.10
CA TYR A 243 10.70 -4.34 -14.86
C TYR A 243 11.28 -3.31 -15.84
N GLN A 244 12.53 -3.46 -16.29
CA GLN A 244 13.24 -2.36 -17.01
C GLN A 244 13.53 -2.70 -18.47
N ASN A 245 13.73 -3.96 -18.82
CA ASN A 245 14.10 -4.36 -20.20
C ASN A 245 12.82 -4.58 -21.01
N THR A 246 12.75 -4.00 -22.21
CA THR A 246 11.63 -4.21 -23.18
C THR A 246 12.02 -5.36 -24.11
N TYR A 247 11.01 -6.08 -24.62
CA TYR A 247 11.15 -7.17 -25.60
C TYR A 247 10.04 -7.14 -26.66
N GLU A 248 10.40 -7.51 -27.90
CA GLU A 248 9.45 -7.99 -28.92
C GLU A 248 9.11 -9.43 -28.54
N PRO A 249 7.94 -9.65 -27.90
CA PRO A 249 7.68 -10.87 -27.12
C PRO A 249 7.53 -12.20 -27.86
N GLY A 250 7.09 -12.10 -29.12
CA GLY A 250 6.73 -13.25 -29.96
C GLY A 250 5.30 -13.70 -29.71
N SER A 251 5.05 -14.96 -30.05
CA SER A 251 3.70 -15.48 -30.05
C SER A 251 3.01 -15.70 -28.70
N THR A 252 3.75 -15.51 -27.59
CA THR A 252 3.17 -15.53 -26.25
C THR A 252 2.01 -14.53 -26.22
N PHE A 253 2.09 -13.53 -27.10
CA PHE A 253 1.27 -12.30 -27.19
C PHE A 253 0.03 -12.52 -28.05
N LYS A 254 0.00 -13.59 -28.83
CA LYS A 254 -1.21 -13.94 -29.62
C LYS A 254 -2.38 -14.14 -28.66
N SER A 255 -2.11 -14.71 -27.47
CA SER A 255 -3.10 -15.04 -26.43
C SER A 255 -4.05 -13.83 -26.29
N TYR A 256 -3.54 -12.59 -26.26
CA TYR A 256 -4.36 -11.38 -25.97
C TYR A 256 -5.17 -11.04 -27.23
N GLY A 257 -4.53 -11.04 -28.41
CA GLY A 257 -5.26 -10.97 -29.68
C GLY A 257 -6.41 -11.95 -29.72
N LEU A 258 -6.15 -13.21 -29.36
CA LEU A 258 -7.15 -14.30 -29.41
C LEU A 258 -8.28 -13.99 -28.45
N ALA A 259 -7.98 -13.56 -27.24
CA ALA A 259 -8.99 -13.15 -26.25
C ALA A 259 -9.91 -12.13 -26.94
N ALA A 260 -9.35 -10.98 -27.32
CA ALA A 260 -10.07 -9.86 -27.98
C ALA A 260 -11.04 -10.44 -29.01
N ALA A 261 -10.50 -11.20 -29.95
CA ALA A 261 -11.30 -11.84 -31.02
C ALA A 261 -12.42 -12.68 -30.40
N ILE A 262 -12.13 -13.52 -29.41
CA ILE A 262 -13.17 -14.39 -28.76
C ILE A 262 -14.27 -13.50 -28.20
N GLN A 263 -13.90 -12.39 -27.56
CA GLN A 263 -14.86 -11.40 -27.00
C GLN A 263 -15.69 -10.81 -28.13
N GLU A 264 -15.02 -10.17 -29.10
CA GLU A 264 -15.66 -9.50 -30.27
C GLU A 264 -16.46 -10.51 -31.10
N GLY A 265 -16.16 -11.81 -31.00
CA GLY A 265 -16.91 -12.91 -31.64
C GLY A 265 -16.35 -13.27 -33.00
N ALA A 266 -15.12 -12.81 -33.30
CA ALA A 266 -14.40 -13.04 -34.57
C ALA A 266 -13.82 -14.45 -34.59
N PHE A 267 -13.53 -15.00 -33.42
CA PHE A 267 -12.93 -16.35 -33.25
C PHE A 267 -14.03 -17.38 -33.03
N ASP A 268 -13.88 -18.55 -33.65
CA ASP A 268 -14.68 -19.76 -33.35
C ASP A 268 -13.81 -20.97 -33.65
N PRO A 269 -13.52 -21.83 -32.65
CA PRO A 269 -12.56 -22.91 -32.83
C PRO A 269 -12.85 -23.83 -34.02
N ASP A 270 -14.12 -23.96 -34.41
CA ASP A 270 -14.60 -24.92 -35.44
C ASP A 270 -14.75 -24.22 -36.79
N LYS A 271 -14.74 -22.88 -36.82
CA LYS A 271 -14.82 -22.07 -38.07
C LYS A 271 -13.49 -22.14 -38.80
N LYS A 272 -13.52 -22.23 -40.13
CA LYS A 272 -12.29 -22.32 -40.94
C LYS A 272 -11.93 -20.92 -41.42
N TYR A 273 -10.66 -20.76 -41.76
CA TYR A 273 -10.02 -19.56 -42.35
C TYR A 273 -8.92 -20.08 -43.27
N LYS A 274 -8.37 -19.20 -44.12
CA LYS A 274 -7.38 -19.62 -45.14
C LYS A 274 -6.00 -19.30 -44.57
N SER A 275 -5.26 -20.36 -44.28
CA SER A 275 -3.85 -20.30 -43.84
C SER A 275 -2.95 -20.25 -45.07
N GLY A 276 -1.73 -19.76 -44.87
CA GLY A 276 -0.70 -19.69 -45.92
C GLY A 276 0.14 -18.46 -45.73
N HIS A 277 -0.32 -17.34 -46.26
CA HIS A 277 0.38 -16.04 -46.19
C HIS A 277 -0.66 -14.94 -46.34
N ARG A 278 -0.27 -13.73 -46.00
CA ARG A 278 -1.07 -12.52 -46.29
C ARG A 278 -0.10 -11.46 -46.83
N ASP A 279 -0.59 -10.71 -47.81
CA ASP A 279 0.18 -9.62 -48.47
C ASP A 279 -0.31 -8.34 -47.81
N ILE A 280 0.60 -7.73 -47.02
CA ILE A 280 0.36 -6.49 -46.21
C ILE A 280 1.45 -5.47 -46.57
N MET A 281 1.03 -4.28 -47.04
CA MET A 281 1.92 -3.24 -47.61
C MET A 281 2.95 -3.97 -48.48
N GLY A 282 2.48 -4.87 -49.35
CA GLY A 282 3.27 -5.69 -50.28
C GLY A 282 4.41 -6.43 -49.59
N SER A 283 4.08 -7.24 -48.58
CA SER A 283 5.04 -8.12 -47.87
C SER A 283 4.36 -9.44 -47.54
N ARG A 284 5.07 -10.55 -47.82
CA ARG A 284 4.53 -11.92 -47.68
C ARG A 284 4.90 -12.40 -46.28
N ILE A 285 4.16 -11.92 -45.28
CA ILE A 285 4.17 -12.51 -43.92
C ILE A 285 3.32 -13.78 -43.96
N SER A 286 3.92 -14.91 -43.60
CA SER A 286 3.36 -16.25 -43.85
C SER A 286 3.46 -17.08 -42.59
N ASP A 287 2.71 -18.16 -42.49
CA ASP A 287 2.83 -19.09 -41.35
C ASP A 287 4.26 -19.58 -41.30
N TRP A 288 4.64 -20.22 -40.21
CA TRP A 288 6.02 -20.71 -40.02
C TRP A 288 6.43 -21.78 -41.05
N ASN A 289 5.51 -22.47 -41.73
CA ASN A 289 5.90 -23.44 -42.81
C ASN A 289 5.90 -22.75 -44.19
N ARG A 290 5.48 -21.47 -44.23
CA ARG A 290 5.44 -20.56 -45.40
C ARG A 290 4.24 -20.87 -46.30
N VAL A 291 3.84 -22.14 -46.34
CA VAL A 291 2.79 -22.69 -47.26
C VAL A 291 1.41 -22.58 -46.61
N GLY A 292 1.38 -22.75 -45.29
CA GLY A 292 0.14 -22.93 -44.53
C GLY A 292 -0.33 -24.38 -44.54
N TRP A 293 -1.58 -24.58 -44.16
CA TRP A 293 -2.29 -25.89 -44.14
C TRP A 293 -3.66 -25.74 -44.85
N GLY A 294 -3.80 -24.66 -45.64
CA GLY A 294 -4.98 -24.32 -46.45
C GLY A 294 -6.13 -23.81 -45.59
N GLU A 295 -7.33 -24.33 -45.84
CA GLU A 295 -8.54 -23.99 -45.04
C GLU A 295 -8.58 -24.95 -43.86
N ILE A 296 -8.46 -24.41 -42.64
CA ILE A 296 -8.45 -25.21 -41.37
C ILE A 296 -9.26 -24.49 -40.29
N PRO A 297 -9.62 -25.19 -39.18
CA PRO A 297 -10.34 -24.57 -38.07
C PRO A 297 -9.45 -23.60 -37.30
N MET A 298 -10.01 -22.52 -36.77
CA MET A 298 -9.26 -21.46 -36.04
C MET A 298 -8.50 -22.08 -34.86
N SER A 299 -9.11 -23.04 -34.16
CA SER A 299 -8.51 -23.79 -33.01
C SER A 299 -7.13 -24.27 -33.39
N LEU A 300 -7.06 -25.10 -34.44
CA LEU A 300 -5.82 -25.75 -34.91
C LEU A 300 -4.80 -24.67 -35.24
N GLY A 301 -5.25 -23.60 -35.91
CA GLY A 301 -4.43 -22.45 -36.32
C GLY A 301 -3.62 -21.92 -35.15
N PHE A 302 -4.28 -21.73 -34.01
CA PHE A 302 -3.66 -21.25 -32.76
C PHE A 302 -2.74 -22.34 -32.19
N THR A 303 -3.28 -23.55 -32.01
CA THR A 303 -2.53 -24.77 -31.60
C THR A 303 -1.22 -24.85 -32.42
N TYR A 304 -1.30 -24.54 -33.72
CA TYR A 304 -0.17 -24.54 -34.67
C TYR A 304 0.67 -23.28 -34.51
N SER A 305 0.04 -22.17 -34.12
CA SER A 305 0.60 -20.79 -34.13
C SER A 305 0.67 -20.28 -35.57
N SER A 306 -0.50 -20.19 -36.20
CA SER A 306 -0.70 -19.57 -37.52
C SER A 306 -0.68 -18.06 -37.36
N ASN A 307 0.30 -17.40 -37.95
CA ASN A 307 0.39 -15.92 -37.92
C ASN A 307 -0.76 -15.37 -38.78
N THR A 308 -1.13 -16.06 -39.84
CA THR A 308 -2.23 -15.63 -40.74
C THR A 308 -3.50 -15.49 -39.89
N LEU A 309 -3.78 -16.49 -39.03
CA LEU A 309 -4.98 -16.48 -38.14
C LEU A 309 -5.06 -15.11 -37.46
N MET A 310 -4.01 -14.73 -36.75
CA MET A 310 -3.98 -13.47 -35.97
C MET A 310 -4.25 -12.27 -36.88
N MET A 311 -3.71 -12.29 -38.09
CA MET A 311 -3.88 -11.19 -39.05
C MET A 311 -5.34 -11.22 -39.52
N HIS A 312 -5.89 -12.42 -39.71
CA HIS A 312 -7.30 -12.60 -40.14
C HIS A 312 -8.21 -11.97 -39.08
N LEU A 313 -7.93 -12.27 -37.81
CA LEU A 313 -8.74 -11.85 -36.63
C LEU A 313 -8.59 -10.34 -36.46
N GLN A 314 -7.40 -9.79 -36.73
CA GLN A 314 -7.18 -8.33 -36.65
C GLN A 314 -8.10 -7.64 -37.66
N ASP A 315 -8.21 -8.22 -38.86
CA ASP A 315 -9.03 -7.69 -40.00
C ASP A 315 -10.49 -7.71 -39.60
N LEU A 316 -10.96 -8.86 -39.12
CA LEU A 316 -12.35 -9.08 -38.64
C LEU A 316 -12.71 -8.08 -37.53
N VAL A 317 -11.83 -7.90 -36.54
CA VAL A 317 -12.12 -7.01 -35.36
C VAL A 317 -11.89 -5.56 -35.79
N GLY A 318 -10.75 -5.26 -36.41
CA GLY A 318 -10.45 -3.93 -36.96
C GLY A 318 -9.39 -3.22 -36.14
N ALA A 319 -8.37 -2.70 -36.83
CA ALA A 319 -7.18 -2.03 -36.24
C ALA A 319 -7.55 -1.23 -35.00
N ASP A 320 -8.50 -0.32 -35.14
CA ASP A 320 -8.86 0.67 -34.10
C ASP A 320 -9.22 -0.05 -32.79
N LYS A 321 -10.01 -1.11 -32.91
CA LYS A 321 -10.46 -1.88 -31.73
C LYS A 321 -9.31 -2.70 -31.17
N MET A 322 -8.39 -3.18 -32.03
CA MET A 322 -7.28 -4.04 -31.56
C MET A 322 -6.21 -3.22 -30.84
N LYS A 323 -6.07 -1.94 -31.16
CA LYS A 323 -5.21 -1.05 -30.35
C LYS A 323 -5.86 -0.88 -28.99
N SER A 324 -7.13 -0.46 -28.95
CA SER A 324 -7.96 -0.31 -27.73
C SER A 324 -7.86 -1.55 -26.86
N TRP A 325 -7.80 -2.73 -27.46
CA TRP A 325 -7.69 -4.04 -26.76
C TRP A 325 -6.29 -4.21 -26.17
N TYR A 326 -5.24 -3.90 -26.93
CA TYR A 326 -3.83 -4.08 -26.51
C TYR A 326 -3.53 -3.06 -25.40
N GLU A 327 -4.16 -1.88 -25.47
CA GLU A 327 -4.13 -0.88 -24.35
C GLU A 327 -4.87 -1.45 -23.14
N ARG A 328 -6.03 -2.05 -23.33
CA ARG A 328 -6.87 -2.60 -22.24
C ARG A 328 -6.18 -3.79 -21.54
N PHE A 329 -5.14 -4.38 -22.14
CA PHE A 329 -4.35 -5.47 -21.53
C PHE A 329 -3.09 -4.87 -20.88
N GLY A 330 -3.04 -3.55 -20.92
CA GLY A 330 -2.11 -2.74 -20.11
C GLY A 330 -0.74 -2.81 -20.71
N PHE A 331 -0.66 -2.66 -22.03
CA PHE A 331 0.62 -2.56 -22.77
C PHE A 331 0.86 -1.11 -23.12
N GLY A 332 2.14 -0.78 -23.35
CA GLY A 332 2.59 0.59 -23.59
C GLY A 332 2.25 1.51 -22.41
N LYS A 333 2.04 0.95 -21.22
CA LYS A 333 1.76 1.71 -19.97
C LYS A 333 2.33 0.93 -18.79
N SER A 334 3.22 1.55 -18.00
CA SER A 334 3.89 0.91 -16.85
C SER A 334 2.84 0.22 -15.97
N THR A 335 3.20 -0.91 -15.34
CA THR A 335 2.30 -1.66 -14.43
C THR A 335 2.24 -0.95 -13.07
N LYS A 336 3.11 0.06 -12.88
CA LYS A 336 3.24 0.92 -11.67
C LYS A 336 3.79 0.11 -10.49
N GLY A 337 4.39 -1.05 -10.73
CA GLY A 337 5.09 -1.83 -9.68
C GLY A 337 6.15 -0.97 -9.02
N MET A 338 6.79 -1.50 -7.98
CA MET A 338 7.68 -0.75 -7.07
C MET A 338 9.13 -0.90 -7.51
N PHE A 339 9.47 -0.75 -8.79
CA PHE A 339 10.88 -0.86 -9.24
C PHE A 339 11.27 0.47 -9.86
N ASP A 340 12.57 0.80 -9.88
CA ASP A 340 13.07 2.10 -10.39
C ASP A 340 12.99 2.08 -11.92
N GLY A 341 12.61 3.21 -12.52
CA GLY A 341 12.36 3.33 -13.97
C GLY A 341 11.76 2.06 -14.57
N GLU A 342 10.53 1.72 -14.16
CA GLU A 342 9.76 0.65 -14.86
C GLU A 342 9.52 1.16 -16.27
N ALA A 343 9.77 0.31 -17.28
CA ALA A 343 9.59 0.66 -18.71
C ALA A 343 8.14 0.46 -19.09
N PRO A 344 7.59 1.29 -20.02
CA PRO A 344 6.24 1.12 -20.53
C PRO A 344 6.15 0.31 -21.83
N GLY A 345 7.22 0.30 -22.64
CA GLY A 345 7.16 -0.30 -23.99
C GLY A 345 6.19 0.47 -24.86
N GLN A 346 5.96 0.03 -26.09
CA GLN A 346 5.14 0.76 -27.09
C GLN A 346 4.34 -0.25 -27.89
N ILE A 347 3.13 0.12 -28.30
CA ILE A 347 2.26 -0.69 -29.21
C ILE A 347 2.65 -0.30 -30.64
N GLY A 348 3.09 -1.27 -31.47
CA GLY A 348 3.44 -1.05 -32.89
C GLY A 348 2.20 -0.88 -33.76
N TRP A 349 1.81 0.37 -34.01
CA TRP A 349 0.53 0.72 -34.69
C TRP A 349 0.72 2.00 -35.50
N SER A 350 1.94 2.24 -36.00
CA SER A 350 2.31 3.46 -36.78
C SER A 350 1.80 3.32 -38.22
N ASN A 351 1.96 2.13 -38.80
CA ASN A 351 1.40 1.79 -40.14
C ASN A 351 0.86 0.36 -40.10
N GLU A 352 0.23 -0.10 -41.18
CA GLU A 352 -0.58 -1.35 -41.18
C GLU A 352 0.33 -2.56 -41.02
N LEU A 353 1.62 -2.44 -41.32
CA LEU A 353 2.57 -3.57 -41.18
C LEU A 353 2.85 -3.77 -39.68
N GLN A 354 3.29 -2.70 -39.01
CA GLN A 354 3.49 -2.70 -37.54
C GLN A 354 2.31 -3.41 -36.88
N GLN A 355 1.09 -3.08 -37.30
CA GLN A 355 -0.16 -3.59 -36.70
C GLN A 355 -0.29 -5.08 -36.91
N LYS A 356 0.00 -5.57 -38.10
CA LYS A 356 -0.15 -7.02 -38.38
C LYS A 356 0.97 -7.77 -37.65
N THR A 357 2.21 -7.30 -37.76
CA THR A 357 3.36 -7.95 -37.10
C THR A 357 3.12 -8.01 -35.58
N SER A 358 2.54 -6.96 -35.00
CA SER A 358 2.12 -6.93 -33.58
C SER A 358 1.33 -8.20 -33.25
N SER A 359 0.29 -8.51 -34.02
CA SER A 359 -0.66 -9.63 -33.77
C SER A 359 0.08 -10.89 -33.32
N PHE A 360 1.32 -11.13 -33.78
CA PHE A 360 2.15 -12.33 -33.43
C PHE A 360 3.44 -11.92 -32.68
N GLY A 361 3.42 -10.72 -32.09
CA GLY A 361 4.38 -10.31 -31.05
C GLY A 361 5.69 -9.84 -31.62
N GLN A 362 5.65 -9.07 -32.71
CA GLN A 362 6.80 -8.29 -33.23
C GLN A 362 6.34 -6.84 -33.33
N SER A 363 7.26 -5.92 -33.59
CA SER A 363 7.01 -4.45 -33.53
C SER A 363 6.81 -4.03 -32.09
N THR A 364 5.67 -4.37 -31.50
CA THR A 364 5.28 -3.98 -30.13
C THR A 364 6.35 -4.45 -29.13
N THR A 365 6.78 -3.57 -28.22
CA THR A 365 7.71 -3.89 -27.12
C THR A 365 6.95 -3.92 -25.78
N VAL A 366 7.30 -4.89 -24.94
CA VAL A 366 6.67 -5.14 -23.61
C VAL A 366 7.73 -5.41 -22.55
N THR A 367 7.40 -5.09 -21.30
CA THR A 367 8.08 -5.61 -20.09
C THR A 367 7.47 -6.99 -19.82
N PRO A 368 8.29 -7.99 -19.42
CA PRO A 368 7.77 -9.30 -19.07
C PRO A 368 6.68 -9.22 -17.99
N VAL A 369 6.77 -8.21 -17.11
CA VAL A 369 5.75 -7.96 -16.04
C VAL A 369 4.40 -7.64 -16.72
N GLN A 370 4.40 -6.74 -17.71
CA GLN A 370 3.18 -6.38 -18.51
C GLN A 370 2.46 -7.64 -18.97
N MET A 371 3.23 -8.67 -19.32
CA MET A 371 2.79 -9.98 -19.83
C MET A 371 2.18 -10.79 -18.71
N LEU A 372 2.80 -10.72 -17.54
CA LEU A 372 2.32 -11.47 -16.35
C LEU A 372 0.95 -10.90 -15.98
N GLN A 373 0.86 -9.57 -15.95
CA GLN A 373 -0.39 -8.81 -15.69
C GLN A 373 -1.49 -9.39 -16.57
N ALA A 374 -1.27 -9.26 -17.87
CA ALA A 374 -2.20 -9.69 -18.92
C ALA A 374 -2.59 -11.15 -18.66
N GLN A 375 -1.63 -12.06 -18.62
CA GLN A 375 -1.93 -13.50 -18.65
C GLN A 375 -2.81 -13.84 -17.44
N SER A 376 -2.62 -13.13 -16.33
CA SER A 376 -3.36 -13.33 -15.06
C SER A 376 -4.88 -13.31 -15.33
N ALA A 377 -5.35 -12.43 -16.22
CA ALA A 377 -6.77 -12.21 -16.51
C ALA A 377 -7.48 -13.51 -16.93
N PHE A 378 -6.76 -14.51 -17.41
CA PHE A 378 -7.37 -15.78 -17.90
C PHE A 378 -7.71 -16.72 -16.75
N PHE A 379 -7.19 -16.44 -15.55
CA PHE A 379 -7.39 -17.32 -14.37
C PHE A 379 -8.17 -16.57 -13.31
N ASN A 380 -8.16 -15.23 -13.33
CA ASN A 380 -8.89 -14.36 -12.39
C ASN A 380 -10.13 -13.79 -13.08
N ASP A 381 -10.86 -14.70 -13.73
CA ASP A 381 -12.20 -14.51 -14.34
C ASP A 381 -12.28 -13.13 -15.00
N GLY A 382 -11.21 -12.76 -15.69
CA GLY A 382 -11.16 -11.59 -16.59
C GLY A 382 -10.30 -10.49 -16.04
N ASN A 383 -10.06 -10.49 -14.74
CA ASN A 383 -9.34 -9.39 -14.05
C ASN A 383 -7.84 -9.63 -14.17
N MET A 384 -7.13 -8.64 -14.67
CA MET A 384 -5.65 -8.59 -14.61
C MET A 384 -5.23 -8.21 -13.18
N LEU A 385 -4.29 -8.95 -12.58
CA LEU A 385 -3.73 -8.68 -11.23
C LEU A 385 -2.43 -7.88 -11.33
N LYS A 386 -2.39 -6.67 -10.78
CA LYS A 386 -1.14 -5.86 -10.74
C LYS A 386 -0.06 -6.61 -9.99
N PRO A 387 1.04 -7.00 -10.67
CA PRO A 387 2.07 -7.80 -10.03
C PRO A 387 2.91 -6.92 -9.12
N TRP A 388 3.25 -7.52 -7.98
CA TRP A 388 3.95 -6.91 -6.81
C TRP A 388 4.86 -7.98 -6.19
N PHE A 389 5.99 -7.53 -5.65
CA PHE A 389 7.07 -8.38 -5.08
C PHE A 389 7.46 -7.87 -3.69
N VAL A 390 6.99 -6.69 -3.31
CA VAL A 390 7.30 -6.01 -2.01
C VAL A 390 6.10 -6.20 -1.10
N ASN A 391 6.29 -6.99 -0.03
CA ASN A 391 5.21 -7.43 0.88
C ASN A 391 4.95 -6.35 1.95
N SER A 392 6.01 -5.73 2.47
CA SER A 392 5.92 -4.72 3.55
C SER A 392 7.28 -4.07 3.82
N VAL A 393 7.22 -2.82 4.27
CA VAL A 393 8.38 -2.04 4.81
C VAL A 393 8.01 -1.62 6.23
N GLU A 394 8.67 -2.18 7.23
CA GLU A 394 8.26 -2.03 8.66
C GLU A 394 9.50 -2.04 9.55
N ASN A 395 9.73 -0.95 10.27
CA ASN A 395 10.75 -0.84 11.34
C ASN A 395 10.52 -1.96 12.37
N PRO A 396 11.50 -2.86 12.63
CA PRO A 396 11.23 -4.06 13.41
C PRO A 396 11.27 -3.78 14.91
N VAL A 397 11.67 -2.57 15.28
CA VAL A 397 11.53 -1.99 16.64
C VAL A 397 10.07 -1.52 16.84
N SER A 398 9.67 -0.46 16.14
CA SER A 398 8.33 0.18 16.25
C SER A 398 7.26 -0.81 15.80
N LYS A 399 7.58 -1.67 14.82
CA LYS A 399 6.66 -2.64 14.15
C LYS A 399 5.71 -1.89 13.21
N ARG A 400 6.00 -0.62 12.91
CA ARG A 400 5.13 0.27 12.12
C ARG A 400 5.30 -0.07 10.65
N GLN A 401 4.27 -0.65 10.03
CA GLN A 401 4.22 -0.92 8.57
C GLN A 401 4.16 0.41 7.82
N PHE A 402 5.33 0.93 7.43
CA PHE A 402 5.51 2.14 6.58
C PHE A 402 4.75 1.94 5.26
N TYR A 403 4.92 0.76 4.62
CA TYR A 403 4.19 0.32 3.40
C TYR A 403 3.78 -1.15 3.57
N LYS A 404 2.65 -1.53 2.98
CA LYS A 404 2.24 -2.94 2.91
C LYS A 404 1.64 -3.20 1.52
N GLY A 405 2.14 -4.26 0.87
CA GLY A 405 1.67 -4.69 -0.46
C GLY A 405 0.43 -5.53 -0.33
N GLN A 406 -0.26 -5.72 -1.45
CA GLN A 406 -1.50 -6.53 -1.56
C GLN A 406 -1.85 -6.75 -3.02
N LYS A 407 -2.78 -7.67 -3.26
CA LYS A 407 -3.31 -7.95 -4.62
C LYS A 407 -4.32 -6.86 -4.94
N GLN A 408 -3.99 -6.01 -5.92
CA GLN A 408 -4.96 -5.11 -6.58
C GLN A 408 -5.25 -5.64 -7.98
N ILE A 409 -6.26 -5.05 -8.61
CA ILE A 409 -6.72 -5.37 -10.00
C ILE A 409 -6.36 -4.18 -10.89
N ALA A 410 -5.59 -4.45 -11.94
CA ALA A 410 -5.05 -3.44 -12.88
C ALA A 410 -6.12 -3.12 -13.92
N GLY A 411 -7.01 -4.10 -14.17
CA GLY A 411 -8.15 -3.95 -15.09
C GLY A 411 -8.88 -5.27 -15.25
N LYS A 412 -10.09 -5.23 -15.81
CA LYS A 412 -10.80 -6.44 -16.26
C LYS A 412 -11.11 -6.23 -17.73
N PRO A 413 -10.18 -6.53 -18.65
CA PRO A 413 -10.42 -6.29 -20.09
C PRO A 413 -11.40 -7.30 -20.72
N ILE A 414 -11.53 -8.50 -20.16
CA ILE A 414 -12.36 -9.60 -20.73
C ILE A 414 -13.31 -10.15 -19.68
N THR A 415 -14.29 -10.95 -20.10
CA THR A 415 -15.29 -11.58 -19.19
C THR A 415 -14.77 -12.95 -18.78
N LYS A 416 -15.45 -13.58 -17.82
CA LYS A 416 -15.09 -14.93 -17.34
C LYS A 416 -15.18 -15.91 -18.50
N ASP A 417 -16.28 -15.83 -19.25
CA ASP A 417 -16.52 -16.68 -20.45
C ASP A 417 -15.27 -16.67 -21.32
N THR A 418 -14.94 -15.50 -21.86
CA THR A 418 -13.75 -15.26 -22.71
C THR A 418 -12.58 -16.03 -22.14
N ALA A 419 -12.20 -15.71 -20.90
CA ALA A 419 -11.04 -16.29 -20.19
C ALA A 419 -11.07 -17.80 -20.30
N GLU A 420 -12.20 -18.43 -19.97
CA GLU A 420 -12.38 -19.91 -19.98
C GLU A 420 -12.02 -20.47 -21.35
N LYS A 421 -12.48 -19.81 -22.42
CA LYS A 421 -12.22 -20.23 -23.82
C LYS A 421 -10.74 -20.05 -24.11
N VAL A 422 -10.18 -18.88 -23.80
CA VAL A 422 -8.73 -18.61 -23.99
C VAL A 422 -7.97 -19.77 -23.35
N GLU A 423 -8.36 -20.17 -22.15
CA GLU A 423 -7.64 -21.23 -21.40
C GLU A 423 -7.69 -22.52 -22.23
N LYS A 424 -8.84 -22.89 -22.80
CA LYS A 424 -8.96 -24.19 -23.50
C LYS A 424 -7.92 -24.25 -24.61
N GLN A 425 -7.75 -23.16 -25.33
CA GLN A 425 -6.83 -23.07 -26.49
C GLN A 425 -5.40 -23.24 -26.00
N LEU A 426 -5.09 -22.65 -24.85
CA LEU A 426 -3.77 -22.78 -24.19
C LEU A 426 -3.56 -24.23 -23.77
N ASP A 427 -4.60 -24.90 -23.31
CA ASP A 427 -4.55 -26.35 -22.98
C ASP A 427 -4.12 -27.10 -24.24
N LEU A 428 -4.70 -26.75 -25.38
CA LEU A 428 -4.47 -27.46 -26.67
C LEU A 428 -3.05 -27.16 -27.15
N VAL A 429 -2.63 -25.91 -27.14
CA VAL A 429 -1.24 -25.55 -27.55
C VAL A 429 -0.28 -26.64 -27.08
N VAL A 430 -0.41 -27.05 -25.81
CA VAL A 430 0.48 -28.04 -25.16
C VAL A 430 -0.13 -29.45 -25.28
N ASN A 431 -1.42 -29.63 -24.99
CA ASN A 431 -2.03 -30.98 -24.78
C ASN A 431 -2.94 -31.41 -25.93
N SER A 432 -2.77 -30.88 -27.14
CA SER A 432 -3.50 -31.32 -28.36
C SER A 432 -2.75 -32.51 -28.95
N LYS A 433 -3.46 -33.40 -29.63
CA LYS A 433 -2.80 -34.48 -30.42
C LYS A 433 -1.83 -33.84 -31.41
N LYS A 434 -2.09 -32.60 -31.87
CA LYS A 434 -1.30 -31.91 -32.93
C LYS A 434 -0.39 -30.87 -32.28
N SER A 435 -0.14 -30.98 -30.97
CA SER A 435 0.71 -30.04 -30.21
C SER A 435 2.11 -29.96 -30.84
N HIS A 436 2.57 -28.74 -31.11
CA HIS A 436 3.97 -28.48 -31.57
C HIS A 436 4.79 -27.99 -30.37
N ALA A 437 4.29 -28.25 -29.17
CA ALA A 437 4.82 -27.73 -27.89
C ALA A 437 4.73 -28.81 -26.80
N ALA A 438 4.82 -30.08 -27.20
CA ALA A 438 4.71 -31.22 -26.26
C ALA A 438 5.99 -31.32 -25.42
N ASN A 439 7.07 -30.67 -25.86
CA ASN A 439 8.39 -30.62 -25.17
C ASN A 439 8.26 -29.83 -23.87
N TYR A 440 7.15 -29.09 -23.69
CA TYR A 440 6.85 -28.29 -22.47
C TYR A 440 5.96 -29.08 -21.52
N ARG A 441 5.76 -30.39 -21.73
CA ARG A 441 4.91 -31.23 -20.85
C ARG A 441 5.73 -31.70 -19.64
N ILE A 442 5.02 -32.13 -18.59
CA ILE A 442 5.62 -32.55 -17.29
C ILE A 442 4.89 -33.82 -16.80
N ASP A 443 5.66 -34.85 -16.43
CA ASP A 443 5.14 -36.07 -15.74
C ASP A 443 4.56 -35.66 -14.40
N GLY A 444 3.33 -36.09 -14.13
CA GLY A 444 2.66 -35.97 -12.82
C GLY A 444 1.93 -34.64 -12.66
N TYR A 445 1.74 -33.88 -13.75
CA TYR A 445 1.05 -32.56 -13.73
C TYR A 445 0.56 -32.19 -15.13
N GLU A 446 -0.66 -31.70 -15.18
CA GLU A 446 -1.31 -31.18 -16.40
C GLU A 446 -0.90 -29.71 -16.59
N VAL A 447 -0.19 -29.42 -17.68
CA VAL A 447 0.39 -28.09 -18.02
C VAL A 447 -0.42 -27.47 -19.18
N GLU A 448 -0.42 -26.14 -19.27
CA GLU A 448 -0.95 -25.36 -20.42
C GLU A 448 -0.09 -24.11 -20.56
N GLY A 449 -0.18 -23.41 -21.69
CA GLY A 449 0.56 -22.16 -21.93
C GLY A 449 0.73 -21.91 -23.40
N LYS A 450 1.59 -20.96 -23.77
CA LYS A 450 1.82 -20.54 -25.17
C LYS A 450 3.31 -20.27 -25.38
N THR A 451 3.80 -20.68 -26.57
CA THR A 451 5.22 -20.66 -27.01
C THR A 451 5.46 -19.39 -27.83
N GLY A 452 6.70 -18.96 -27.97
CA GLY A 452 7.01 -17.62 -28.51
C GLY A 452 8.42 -17.52 -29.03
N THR A 453 8.67 -18.11 -30.21
CA THR A 453 9.90 -17.91 -31.02
C THR A 453 9.74 -16.62 -31.82
N ALA A 454 10.75 -15.74 -31.81
CA ALA A 454 10.61 -14.31 -32.17
C ALA A 454 11.96 -13.67 -32.45
N GLN A 455 12.06 -12.86 -33.50
CA GLN A 455 13.34 -12.23 -33.90
C GLN A 455 13.60 -11.05 -32.98
N VAL A 456 14.87 -10.66 -32.90
CA VAL A 456 15.40 -9.69 -31.91
C VAL A 456 15.84 -8.44 -32.65
N ALA A 457 15.55 -7.26 -32.10
CA ALA A 457 15.84 -5.96 -32.71
C ALA A 457 17.34 -5.68 -32.60
N ALA A 458 17.94 -5.02 -33.61
CA ALA A 458 19.39 -4.73 -33.70
C ALA A 458 19.72 -3.56 -32.76
N PRO A 459 20.67 -3.74 -31.81
CA PRO A 459 20.83 -2.82 -30.69
C PRO A 459 20.80 -1.33 -31.06
N ASN A 460 21.73 -0.90 -31.93
CA ASN A 460 21.96 0.54 -32.24
C ASN A 460 21.64 0.76 -33.72
N GLY A 461 20.51 1.44 -33.97
CA GLY A 461 19.86 1.58 -35.29
C GLY A 461 19.37 0.23 -35.81
N GLY A 462 20.02 -0.26 -36.88
CA GLY A 462 19.78 -1.57 -37.53
C GLY A 462 18.31 -1.83 -37.72
N GLY A 463 17.91 -3.11 -37.61
CA GLY A 463 16.51 -3.55 -37.80
C GLY A 463 16.24 -4.83 -37.07
N TYR A 464 16.86 -5.94 -37.49
CA TYR A 464 16.72 -7.29 -36.88
C TYR A 464 18.09 -7.97 -36.83
N VAL A 465 18.47 -8.49 -35.66
CA VAL A 465 19.68 -9.34 -35.50
C VAL A 465 19.54 -10.56 -36.39
N LYS A 466 20.62 -10.86 -37.10
CA LYS A 466 20.70 -11.93 -38.13
C LYS A 466 21.65 -12.99 -37.60
N GLY A 467 21.58 -14.18 -38.20
CA GLY A 467 22.25 -15.38 -37.71
C GLY A 467 21.51 -16.63 -38.14
N PRO A 468 21.90 -17.82 -37.62
CA PRO A 468 21.27 -19.09 -37.99
C PRO A 468 19.90 -19.25 -37.35
N ASN A 469 19.83 -18.99 -36.04
CA ASN A 469 18.56 -18.92 -35.25
C ASN A 469 18.60 -17.70 -34.35
N PRO A 470 18.50 -16.46 -34.89
CA PRO A 470 18.65 -15.23 -34.11
C PRO A 470 17.36 -14.83 -33.38
N TYR A 471 16.88 -15.72 -32.49
CA TYR A 471 15.52 -15.66 -31.89
C TYR A 471 15.56 -15.42 -30.38
N PHE A 472 14.46 -14.89 -29.86
CA PHE A 472 14.07 -14.88 -28.43
C PHE A 472 12.94 -15.88 -28.22
N VAL A 473 13.27 -17.09 -27.78
CA VAL A 473 12.25 -18.12 -27.42
C VAL A 473 11.72 -17.79 -26.02
N SER A 474 10.39 -17.88 -25.85
CA SER A 474 9.68 -17.70 -24.57
C SER A 474 8.67 -18.83 -24.42
N PHE A 475 8.23 -19.06 -23.18
CA PHE A 475 7.00 -19.82 -22.84
C PHE A 475 6.31 -19.14 -21.65
N MET A 476 4.98 -19.11 -21.69
CA MET A 476 4.08 -18.44 -20.71
C MET A 476 3.04 -19.48 -20.28
N GLY A 477 3.52 -20.42 -19.48
CA GLY A 477 2.71 -21.54 -18.98
C GLY A 477 2.24 -21.30 -17.56
N ASP A 478 1.33 -22.15 -17.15
CA ASP A 478 0.67 -22.16 -15.82
C ASP A 478 0.20 -23.59 -15.55
N ALA A 479 0.32 -24.04 -14.31
CA ALA A 479 -0.17 -25.36 -13.86
C ALA A 479 -0.76 -25.17 -12.46
N PRO A 480 -1.64 -26.08 -12.00
CA PRO A 480 -2.29 -27.05 -12.87
C PRO A 480 -3.34 -26.39 -13.79
N LYS A 481 -3.55 -26.98 -14.96
CA LYS A 481 -4.34 -26.34 -16.05
C LYS A 481 -5.78 -26.07 -15.57
N LYS A 482 -6.33 -24.94 -16.04
CA LYS A 482 -7.70 -24.42 -15.75
C LYS A 482 -7.69 -23.59 -14.45
N ASN A 483 -7.43 -24.24 -13.30
CA ASN A 483 -7.36 -23.60 -11.95
C ASN A 483 -5.91 -23.67 -11.49
N PRO A 484 -5.01 -22.83 -12.06
CA PRO A 484 -3.59 -22.95 -11.80
C PRO A 484 -3.24 -22.27 -10.48
N LYS A 485 -2.06 -22.63 -9.95
CA LYS A 485 -1.47 -22.06 -8.72
C LYS A 485 -0.45 -21.00 -9.13
N VAL A 486 0.32 -21.27 -10.18
CA VAL A 486 1.48 -20.43 -10.60
C VAL A 486 1.55 -20.30 -12.11
N ILE A 487 2.00 -19.13 -12.52
CA ILE A 487 2.39 -18.78 -13.90
C ILE A 487 3.92 -18.75 -13.94
N VAL A 488 4.51 -19.41 -14.92
CA VAL A 488 5.97 -19.33 -15.17
C VAL A 488 6.17 -18.72 -16.55
N TYR A 489 6.84 -17.58 -16.62
CA TYR A 489 7.27 -16.94 -17.88
C TYR A 489 8.79 -17.05 -17.93
N ALA A 490 9.29 -17.59 -19.01
CA ALA A 490 10.73 -17.83 -19.25
C ALA A 490 11.06 -17.33 -20.65
N GLY A 491 12.14 -16.57 -20.76
CA GLY A 491 12.61 -16.01 -22.03
C GLY A 491 14.11 -16.13 -22.19
N MET A 492 14.57 -16.55 -23.38
CA MET A 492 16.01 -16.71 -23.72
C MET A 492 16.29 -15.97 -25.01
N SER A 493 17.24 -15.05 -25.00
CA SER A 493 17.60 -14.16 -26.12
C SER A 493 18.92 -14.66 -26.73
N LEU A 494 18.93 -14.92 -28.05
CA LEU A 494 20.14 -15.03 -28.91
C LEU A 494 21.08 -16.10 -28.36
N ALA A 495 20.63 -17.35 -28.26
CA ALA A 495 21.43 -18.49 -27.75
C ALA A 495 22.71 -18.61 -28.58
N GLN A 496 23.88 -18.34 -27.99
CA GLN A 496 25.17 -18.35 -28.73
C GLN A 496 25.75 -19.78 -28.76
N LYS A 497 24.95 -20.79 -28.43
CA LYS A 497 25.37 -22.22 -28.43
C LYS A 497 24.13 -23.09 -28.62
N ASN A 498 24.29 -24.29 -29.19
CA ASN A 498 23.17 -25.24 -29.48
C ASN A 498 22.01 -24.46 -30.11
N ASP A 499 22.31 -23.42 -30.91
CA ASP A 499 21.34 -22.35 -31.29
C ASP A 499 20.15 -22.97 -32.02
N GLN A 500 20.32 -24.19 -32.55
CA GLN A 500 19.27 -24.99 -33.19
C GLN A 500 18.36 -25.55 -32.09
N GLU A 501 18.92 -26.35 -31.18
CA GLU A 501 18.17 -26.99 -30.06
C GLU A 501 17.31 -25.91 -29.39
N ALA A 502 17.90 -24.72 -29.25
CA ALA A 502 17.25 -23.50 -28.70
C ALA A 502 15.94 -23.25 -29.45
N TYR A 503 16.01 -23.11 -30.78
CA TYR A 503 14.82 -22.88 -31.62
C TYR A 503 13.81 -24.00 -31.34
N GLU A 504 14.30 -25.26 -31.27
CA GLU A 504 13.44 -26.47 -31.26
C GLU A 504 12.83 -26.68 -29.89
N LEU A 505 13.66 -26.81 -28.86
CA LEU A 505 13.21 -27.07 -27.47
C LEU A 505 12.81 -25.77 -26.78
N GLY A 506 13.42 -24.64 -27.15
CA GLY A 506 13.12 -23.34 -26.54
C GLY A 506 13.46 -23.36 -25.06
N VAL A 507 12.57 -22.81 -24.24
CA VAL A 507 12.84 -22.67 -22.79
C VAL A 507 12.21 -23.85 -22.05
N SER A 508 11.94 -24.95 -22.75
CA SER A 508 11.36 -26.18 -22.16
C SER A 508 12.34 -26.73 -21.13
N LYS A 509 13.65 -26.58 -21.39
CA LYS A 509 14.72 -27.13 -20.52
C LYS A 509 14.76 -26.40 -19.17
N ALA A 510 14.28 -25.17 -19.10
CA ALA A 510 14.20 -24.36 -17.85
C ALA A 510 12.82 -24.51 -17.20
N PHE A 511 11.76 -24.39 -18.00
CA PHE A 511 10.35 -24.39 -17.54
C PHE A 511 10.05 -25.67 -16.75
N LYS A 512 10.36 -26.83 -17.33
CA LYS A 512 9.95 -28.14 -16.77
C LYS A 512 10.42 -28.27 -15.33
N PRO A 513 11.73 -28.13 -15.02
CA PRO A 513 12.20 -28.16 -13.64
C PRO A 513 11.49 -27.10 -12.77
N ILE A 514 11.65 -25.83 -13.14
CA ILE A 514 11.10 -24.69 -12.35
C ILE A 514 9.68 -25.02 -11.92
N MET A 515 8.80 -25.37 -12.86
CA MET A 515 7.38 -25.65 -12.55
C MET A 515 7.30 -26.90 -11.66
N GLU A 516 7.79 -28.02 -12.17
CA GLU A 516 7.65 -29.34 -11.51
C GLU A 516 7.96 -29.19 -10.02
N ASN A 517 9.13 -28.64 -9.70
CA ASN A 517 9.63 -28.54 -8.31
C ASN A 517 8.74 -27.58 -7.52
N THR A 518 8.28 -26.51 -8.17
CA THR A 518 7.45 -25.45 -7.54
C THR A 518 6.10 -26.06 -7.15
N LEU A 519 5.53 -26.89 -8.02
CA LEU A 519 4.23 -27.53 -7.76
C LEU A 519 4.37 -28.55 -6.61
N LYS A 520 5.42 -29.38 -6.63
CA LYS A 520 5.74 -30.29 -5.51
C LYS A 520 5.84 -29.48 -4.22
N TYR A 521 6.66 -28.42 -4.24
CA TYR A 521 6.95 -27.56 -3.07
C TYR A 521 5.66 -26.91 -2.54
N LEU A 522 4.73 -26.61 -3.44
CA LEU A 522 3.42 -26.04 -3.07
C LEU A 522 2.43 -27.17 -2.78
N ASN A 523 2.88 -28.43 -2.86
CA ASN A 523 2.10 -29.62 -2.45
C ASN A 523 0.79 -29.70 -3.26
N VAL A 524 0.90 -29.78 -4.59
CA VAL A 524 -0.24 -30.10 -5.50
C VAL A 524 -0.07 -31.55 -5.94
N GLY A 525 -1.18 -32.29 -6.10
CA GLY A 525 -1.16 -33.74 -6.37
C GLY A 525 -1.71 -34.07 -7.75
N LYS A 526 -1.47 -35.31 -8.20
CA LYS A 526 -2.06 -35.89 -9.45
C LYS A 526 -2.28 -37.40 -9.24
N SER A 527 -1.49 -38.28 -9.86
CA SER A 527 -1.71 -39.75 -9.96
C SER A 527 -0.69 -40.55 -9.10
N LYS A 528 0.47 -39.96 -8.74
CA LYS A 528 1.55 -40.60 -7.91
C LYS A 528 1.80 -39.80 -6.60
N ASP A 529 1.47 -38.50 -6.59
CA ASP A 529 1.77 -37.55 -5.48
C ASP A 529 3.29 -37.31 -5.40
N ASP A 530 3.98 -37.46 -6.54
CA ASP A 530 5.45 -37.30 -6.79
C ASP A 530 6.28 -37.48 -5.50
N THR A 531 6.07 -38.58 -4.77
CA THR A 531 6.79 -38.95 -3.50
C THR A 531 8.28 -39.19 -3.81
N MET B 1 -18.19 12.46 -17.70
CA MET B 1 -18.90 12.99 -16.49
C MET B 1 -17.94 12.97 -15.29
N ARG B 2 -18.49 13.13 -14.08
CA ARG B 2 -17.71 13.04 -12.83
C ARG B 2 -18.05 11.74 -12.12
N GLY B 3 -17.04 11.17 -11.46
CA GLY B 3 -17.09 9.89 -10.73
C GLY B 3 -18.12 9.95 -9.64
N LYS B 4 -18.43 8.80 -9.05
CA LYS B 4 -19.41 8.69 -7.95
C LYS B 4 -18.65 8.33 -6.68
N ILE B 5 -19.07 8.87 -5.55
CA ILE B 5 -18.60 8.46 -4.20
C ILE B 5 -19.66 7.51 -3.66
N TYR B 6 -19.24 6.31 -3.26
CA TYR B 6 -20.14 5.25 -2.73
C TYR B 6 -19.81 4.99 -1.26
N ASP B 7 -20.72 4.29 -0.58
CA ASP B 7 -20.48 3.71 0.76
C ASP B 7 -19.80 2.35 0.53
N ARG B 8 -19.60 1.59 1.62
CA ARG B 8 -18.90 0.27 1.64
C ARG B 8 -19.76 -0.77 0.91
N ASN B 9 -21.09 -0.62 0.99
CA ASN B 9 -22.09 -1.52 0.32
C ASN B 9 -22.54 -0.90 -1.02
N GLY B 10 -21.69 -0.07 -1.64
CA GLY B 10 -21.94 0.56 -2.94
C GLY B 10 -23.21 1.40 -2.99
N LYS B 11 -23.86 1.73 -1.86
CA LYS B 11 -24.98 2.72 -1.80
C LYS B 11 -24.43 4.10 -2.16
N VAL B 12 -25.14 4.87 -2.99
CA VAL B 12 -24.56 6.10 -3.62
C VAL B 12 -24.62 7.23 -2.60
N LEU B 13 -23.53 7.99 -2.50
CA LEU B 13 -23.35 9.09 -1.51
C LEU B 13 -23.20 10.42 -2.27
N ALA B 14 -22.66 10.38 -3.49
CA ALA B 14 -22.60 11.56 -4.38
C ALA B 14 -22.53 11.07 -5.83
N GLU B 15 -23.28 11.72 -6.73
CA GLU B 15 -23.33 11.35 -8.17
C GLU B 15 -23.64 12.60 -8.99
N ASP B 16 -23.35 12.54 -10.29
CA ASP B 16 -23.81 13.53 -11.30
C ASP B 16 -25.27 13.22 -11.64
N VAL B 17 -26.08 14.27 -11.86
CA VAL B 17 -27.47 14.17 -12.40
C VAL B 17 -27.65 15.24 -13.49
N GLU B 18 -28.61 14.99 -14.38
CA GLU B 18 -28.97 15.84 -15.55
C GLU B 18 -30.10 16.78 -15.11
N ARG B 19 -29.83 18.07 -15.14
CA ARG B 19 -30.79 19.13 -14.78
C ARG B 19 -30.84 20.08 -15.96
N TYR B 20 -31.59 21.18 -15.84
CA TYR B 20 -31.87 22.13 -16.94
C TYR B 20 -31.83 23.55 -16.40
N LYS B 21 -31.63 24.52 -17.30
CA LYS B 21 -31.37 25.94 -17.00
C LYS B 21 -32.02 26.76 -18.12
N LEU B 22 -32.79 27.80 -17.80
CA LEU B 22 -33.34 28.73 -18.83
C LEU B 22 -33.01 30.19 -18.46
N VAL B 23 -32.74 31.00 -19.49
CA VAL B 23 -32.19 32.39 -19.41
C VAL B 23 -32.68 33.17 -20.65
N ALA B 24 -32.35 34.49 -20.74
CA ALA B 24 -32.82 35.50 -21.72
C ALA B 24 -32.91 34.96 -23.18
N VAL B 25 -34.14 34.73 -23.71
CA VAL B 25 -34.44 34.28 -25.11
C VAL B 25 -34.82 35.53 -25.93
N ASP B 42 -46.05 36.93 -24.94
CA ASP B 42 -46.58 37.81 -23.86
C ASP B 42 -45.55 37.97 -22.75
N LYS B 43 -45.47 39.16 -22.15
CA LYS B 43 -44.47 39.48 -21.10
C LYS B 43 -44.96 39.00 -19.73
N LYS B 44 -46.28 39.03 -19.47
CA LYS B 44 -46.87 38.65 -18.16
C LYS B 44 -47.60 37.31 -18.25
N GLU B 45 -48.10 36.91 -19.42
CA GLU B 45 -48.93 35.67 -19.57
C GLU B 45 -48.02 34.44 -19.81
N THR B 46 -46.81 34.66 -20.33
CA THR B 46 -45.71 33.66 -20.35
C THR B 46 -44.93 33.79 -19.03
N ALA B 47 -45.05 34.90 -18.29
CA ALA B 47 -44.45 35.09 -16.92
C ALA B 47 -45.23 34.26 -15.90
N LYS B 48 -46.56 34.26 -15.98
CA LYS B 48 -47.49 33.41 -15.18
C LYS B 48 -47.23 31.94 -15.55
N LYS B 49 -47.20 31.64 -16.85
CA LYS B 49 -47.01 30.27 -17.39
C LYS B 49 -45.62 29.74 -17.00
N LEU B 50 -44.61 30.61 -16.93
CA LEU B 50 -43.24 30.30 -16.40
C LEU B 50 -43.32 29.95 -14.91
N SER B 51 -44.15 30.68 -14.14
CA SER B 51 -44.50 30.32 -12.75
C SER B 51 -45.31 29.01 -12.80
N THR B 52 -45.59 28.41 -11.64
CA THR B 52 -46.22 27.07 -11.49
C THR B 52 -45.19 25.97 -11.79
N VAL B 53 -44.01 26.34 -12.29
CA VAL B 53 -42.88 25.40 -12.56
C VAL B 53 -41.64 25.95 -11.81
N ILE B 54 -41.38 27.26 -11.86
CA ILE B 54 -40.28 27.91 -11.08
C ILE B 54 -40.87 28.65 -9.87
N ASN B 55 -40.05 28.90 -8.84
CA ASN B 55 -40.50 29.51 -7.55
C ASN B 55 -40.37 31.02 -7.60
N MET B 56 -39.80 31.58 -8.67
CA MET B 56 -39.89 33.04 -8.96
C MET B 56 -41.32 33.35 -9.38
N LYS B 57 -41.84 34.50 -8.94
CA LYS B 57 -43.29 34.84 -8.98
C LYS B 57 -43.58 35.68 -10.23
N PRO B 58 -44.77 35.54 -10.86
CA PRO B 58 -45.09 36.23 -12.12
C PRO B 58 -44.94 37.75 -12.09
N GLU B 59 -44.92 38.35 -10.90
CA GLU B 59 -44.62 39.80 -10.66
C GLU B 59 -43.15 40.04 -11.00
N GLU B 60 -42.26 39.30 -10.32
CA GLU B 60 -40.78 39.42 -10.42
C GLU B 60 -40.30 38.75 -11.71
N ILE B 61 -41.03 37.75 -12.22
CA ILE B 61 -40.75 37.11 -13.54
C ILE B 61 -40.90 38.20 -14.61
N GLU B 62 -41.96 39.01 -14.58
CA GLU B 62 -42.13 40.14 -15.54
C GLU B 62 -41.02 41.19 -15.29
N LYS B 63 -40.70 41.49 -14.03
CA LYS B 63 -39.66 42.47 -13.64
C LYS B 63 -38.38 42.16 -14.44
N ARG B 64 -37.99 40.88 -14.51
CA ARG B 64 -36.77 40.42 -15.21
C ARG B 64 -37.01 40.29 -16.73
N LEU B 65 -38.27 40.21 -17.20
CA LEU B 65 -38.64 40.00 -18.64
C LEU B 65 -38.60 41.33 -19.42
N SER B 66 -38.08 42.42 -18.84
CA SER B 66 -37.85 43.72 -19.52
C SER B 66 -36.39 43.86 -19.97
N PHE B 75 -30.83 33.83 -14.99
CA PHE B 75 -32.21 33.81 -14.42
C PHE B 75 -32.21 33.22 -13.01
N GLY B 76 -31.38 33.78 -12.12
CA GLY B 76 -31.32 33.42 -10.69
C GLY B 76 -31.03 31.95 -10.45
N ARG B 77 -30.97 31.57 -9.18
CA ARG B 77 -30.71 30.17 -8.71
C ARG B 77 -31.88 29.25 -9.10
N LYS B 78 -33.11 29.77 -9.10
CA LYS B 78 -34.35 28.98 -9.34
C LYS B 78 -34.72 29.04 -10.83
N GLY B 79 -33.80 29.56 -11.67
CA GLY B 79 -33.86 29.50 -13.14
C GLY B 79 -33.03 28.36 -13.71
N THR B 80 -32.30 27.64 -12.83
CA THR B 80 -31.37 26.53 -13.18
C THR B 80 -31.56 25.38 -12.18
N ASN B 81 -30.91 24.24 -12.42
CA ASN B 81 -31.01 23.02 -11.58
C ASN B 81 -32.47 22.53 -11.58
N LEU B 82 -33.16 22.62 -12.71
CA LEU B 82 -34.61 22.26 -12.90
C LEU B 82 -34.70 20.81 -13.37
N THR B 83 -35.70 20.07 -12.88
CA THR B 83 -35.84 18.60 -13.06
C THR B 83 -36.31 18.26 -14.49
N TYR B 84 -36.41 16.97 -14.83
CA TYR B 84 -36.74 16.53 -16.22
C TYR B 84 -38.22 16.81 -16.52
N GLN B 85 -39.12 16.52 -15.59
CA GLN B 85 -40.58 16.79 -15.75
C GLN B 85 -40.84 18.30 -15.59
N ASP B 86 -40.05 19.00 -14.77
CA ASP B 86 -40.02 20.50 -14.68
C ASP B 86 -39.86 21.08 -16.10
N LYS B 87 -39.13 20.38 -16.96
CA LYS B 87 -38.92 20.75 -18.39
C LYS B 87 -40.14 20.30 -19.22
N LEU B 88 -40.62 19.06 -19.06
CA LEU B 88 -41.81 18.51 -19.79
C LEU B 88 -43.00 19.47 -19.66
N LYS B 89 -43.16 20.11 -18.49
CA LYS B 89 -44.21 21.13 -18.22
C LYS B 89 -43.99 22.36 -19.09
N ILE B 90 -42.79 22.98 -19.06
CA ILE B 90 -42.46 24.20 -19.85
C ILE B 90 -42.46 23.85 -21.35
N GLU B 91 -42.04 22.63 -21.69
CA GLU B 91 -42.07 22.09 -23.08
C GLU B 91 -43.52 22.04 -23.57
N LYS B 92 -44.43 21.54 -22.73
CA LYS B 92 -45.90 21.52 -22.99
C LYS B 92 -46.34 22.92 -23.45
N MET B 93 -45.97 23.93 -22.67
CA MET B 93 -46.41 25.35 -22.81
C MET B 93 -45.92 25.96 -24.14
N ASN B 94 -44.96 25.32 -24.84
CA ASN B 94 -44.52 25.65 -26.23
C ASN B 94 -44.38 27.17 -26.41
N LEU B 95 -44.02 27.93 -25.37
CA LEU B 95 -44.13 29.41 -25.32
C LEU B 95 -43.23 30.07 -26.38
N PRO B 96 -43.31 31.41 -26.57
CA PRO B 96 -42.41 32.13 -27.49
C PRO B 96 -41.09 32.54 -26.83
N GLY B 97 -40.40 31.60 -26.16
CA GLY B 97 -39.09 31.79 -25.50
C GLY B 97 -38.54 30.52 -24.85
N ILE B 98 -38.48 29.41 -25.61
CA ILE B 98 -37.96 28.08 -25.16
C ILE B 98 -36.44 28.19 -24.97
N SER B 99 -35.98 27.83 -23.77
CA SER B 99 -34.65 28.19 -23.20
C SER B 99 -34.14 27.09 -22.27
N LEU B 100 -34.78 25.89 -22.21
CA LEU B 100 -34.33 24.80 -21.29
C LEU B 100 -33.10 24.09 -21.88
N LEU B 101 -31.91 24.38 -21.34
CA LEU B 101 -30.57 23.87 -21.73
C LEU B 101 -30.11 22.90 -20.65
N PRO B 102 -29.69 21.65 -20.99
CA PRO B 102 -29.27 20.66 -20.00
C PRO B 102 -27.92 20.97 -19.32
N GLU B 103 -27.97 21.16 -18.00
CA GLU B 103 -26.80 21.41 -17.11
C GLU B 103 -26.69 20.18 -16.20
N THR B 104 -25.53 19.53 -16.15
CA THR B 104 -25.29 18.33 -15.29
C THR B 104 -24.75 18.82 -13.94
N GLU B 105 -25.37 18.38 -12.85
CA GLU B 105 -25.20 18.97 -11.49
C GLU B 105 -24.93 17.85 -10.48
N ARG B 106 -24.16 18.15 -9.41
CA ARG B 106 -23.78 17.15 -8.38
C ARG B 106 -24.95 16.96 -7.40
N PHE B 107 -25.31 15.71 -7.13
CA PHE B 107 -26.45 15.33 -6.24
C PHE B 107 -25.93 14.45 -5.09
N TYR B 108 -26.26 14.84 -3.83
CA TYR B 108 -25.92 14.12 -2.57
C TYR B 108 -27.21 13.56 -1.98
N PRO B 109 -27.53 12.29 -2.34
CA PRO B 109 -28.77 11.61 -1.95
C PRO B 109 -29.28 11.69 -0.51
N ASN B 110 -28.40 11.68 0.50
CA ASN B 110 -28.85 11.70 1.92
C ASN B 110 -28.76 13.13 2.48
N GLY B 111 -28.38 14.10 1.63
CA GLY B 111 -28.37 15.54 1.96
C GLY B 111 -27.27 15.85 2.95
N ASN B 112 -27.60 16.29 4.16
CA ASN B 112 -26.62 16.44 5.27
C ASN B 112 -26.26 15.06 5.83
N PHE B 113 -25.14 14.49 5.40
CA PHE B 113 -24.69 13.09 5.72
C PHE B 113 -23.17 13.02 5.60
N ALA B 114 -22.45 12.84 6.70
CA ALA B 114 -20.97 12.79 6.68
C ALA B 114 -20.48 13.98 5.85
N SER B 115 -21.19 15.11 5.95
CA SER B 115 -21.02 16.27 5.04
C SER B 115 -19.58 16.77 5.06
N HIS B 116 -18.88 16.64 6.19
CA HIS B 116 -17.51 17.16 6.38
C HIS B 116 -16.47 16.18 5.81
N LEU B 117 -16.80 14.88 5.81
CA LEU B 117 -15.97 13.81 5.21
C LEU B 117 -16.10 13.84 3.68
N ILE B 118 -17.32 13.73 3.17
CA ILE B 118 -17.65 13.64 1.71
C ILE B 118 -17.26 14.94 1.01
N GLY B 119 -17.54 16.07 1.66
CA GLY B 119 -17.27 17.41 1.12
C GLY B 119 -18.27 17.79 0.04
N ARG B 120 -17.84 18.62 -0.92
CA ARG B 120 -18.74 19.26 -1.91
C ARG B 120 -17.91 19.84 -3.06
N ALA B 121 -18.51 19.88 -4.25
CA ALA B 121 -17.93 20.42 -5.51
C ALA B 121 -18.74 21.62 -5.99
N GLN B 122 -18.08 22.58 -6.67
CA GLN B 122 -18.66 23.87 -7.13
C GLN B 122 -18.33 24.06 -8.61
N LYS B 123 -19.17 24.79 -9.36
CA LYS B 123 -19.06 24.93 -10.83
C LYS B 123 -18.39 26.25 -11.22
N ASN B 124 -17.57 26.21 -12.26
CA ASN B 124 -17.04 27.41 -12.96
C ASN B 124 -18.16 27.99 -13.81
N PRO B 125 -18.66 29.21 -13.51
CA PRO B 125 -19.62 29.87 -14.38
C PRO B 125 -19.42 29.67 -15.89
N ASP B 126 -18.18 29.81 -16.39
CA ASP B 126 -17.87 29.86 -17.85
C ASP B 126 -17.98 28.45 -18.46
N THR B 127 -17.23 27.49 -17.93
CA THR B 127 -17.10 26.12 -18.49
C THR B 127 -18.17 25.20 -17.89
N GLY B 128 -18.63 25.48 -16.66
CA GLY B 128 -19.52 24.63 -15.87
C GLY B 128 -18.79 23.43 -15.31
N GLU B 129 -17.48 23.54 -15.11
CA GLU B 129 -16.64 22.42 -14.56
C GLU B 129 -16.90 22.30 -13.05
N LEU B 130 -17.47 21.18 -12.60
CA LEU B 130 -17.58 20.81 -11.15
C LEU B 130 -16.16 20.53 -10.62
N LYS B 131 -15.70 21.29 -9.61
CA LYS B 131 -14.38 21.17 -8.94
C LYS B 131 -14.57 21.00 -7.43
N GLY B 132 -13.95 19.97 -6.83
CA GLY B 132 -14.02 19.63 -5.40
C GLY B 132 -13.43 20.73 -4.54
N ALA B 133 -14.10 21.04 -3.43
CA ALA B 133 -13.79 22.21 -2.56
C ALA B 133 -13.50 21.78 -1.12
N LEU B 134 -13.90 20.57 -0.74
CA LEU B 134 -13.78 20.07 0.65
C LEU B 134 -13.96 18.57 0.65
N GLY B 135 -13.38 17.90 1.63
CA GLY B 135 -13.58 16.45 1.86
C GLY B 135 -13.23 15.64 0.64
N VAL B 136 -13.79 14.43 0.56
CA VAL B 136 -13.47 13.43 -0.49
C VAL B 136 -13.47 14.15 -1.85
N GLU B 137 -14.49 14.95 -2.14
CA GLU B 137 -14.63 15.65 -3.44
C GLU B 137 -13.34 16.41 -3.80
N LYS B 138 -12.75 17.13 -2.86
CA LYS B 138 -11.54 17.94 -3.12
C LYS B 138 -10.31 17.03 -3.16
N ILE B 139 -10.25 16.11 -2.21
CA ILE B 139 -9.11 15.16 -2.06
C ILE B 139 -8.86 14.50 -3.42
N PHE B 140 -9.88 13.87 -3.99
CA PHE B 140 -9.77 13.01 -5.19
C PHE B 140 -10.27 13.74 -6.44
N ASP B 141 -10.20 15.07 -6.47
CA ASP B 141 -10.80 15.83 -7.59
C ASP B 141 -10.35 15.18 -8.89
N SER B 142 -9.02 15.04 -9.08
CA SER B 142 -8.41 14.43 -10.28
C SER B 142 -9.13 13.15 -10.68
N TYR B 143 -9.36 12.26 -9.71
CA TYR B 143 -9.76 10.86 -9.95
C TYR B 143 -11.25 10.84 -10.31
N LEU B 144 -12.04 11.60 -9.57
CA LEU B 144 -13.51 11.70 -9.81
C LEU B 144 -13.78 12.42 -11.14
N SER B 145 -13.03 13.47 -11.50
CA SER B 145 -13.27 14.24 -12.74
C SER B 145 -12.82 13.41 -13.95
N GLY B 146 -13.56 13.51 -15.06
CA GLY B 146 -13.24 12.86 -16.35
C GLY B 146 -12.37 13.70 -17.28
N SER B 147 -11.27 14.27 -16.76
CA SER B 147 -10.10 14.77 -17.55
C SER B 147 -8.90 14.99 -16.63
N LYS B 172 -13.43 10.15 -21.26
CA LYS B 172 -14.27 11.29 -20.82
C LYS B 172 -14.83 11.07 -19.39
N ARG B 173 -14.96 9.82 -18.95
CA ARG B 173 -15.64 9.43 -17.68
C ARG B 173 -14.65 9.43 -16.50
N GLY B 174 -15.12 9.84 -15.31
CA GLY B 174 -14.33 9.88 -14.07
C GLY B 174 -14.25 8.51 -13.40
N ASP B 175 -13.61 8.44 -12.22
CA ASP B 175 -13.41 7.18 -11.45
C ASP B 175 -14.28 7.24 -10.20
N ASP B 176 -14.82 6.10 -9.77
CA ASP B 176 -15.63 5.98 -8.53
C ASP B 176 -14.68 5.94 -7.32
N VAL B 177 -15.18 6.27 -6.12
CA VAL B 177 -14.45 6.23 -4.81
C VAL B 177 -15.32 5.58 -3.75
N HIS B 178 -14.92 4.41 -3.26
CA HIS B 178 -15.62 3.66 -2.21
C HIS B 178 -15.06 4.05 -0.84
N LEU B 179 -15.93 4.49 0.06
CA LEU B 179 -15.58 4.77 1.47
C LEU B 179 -15.92 3.52 2.27
N THR B 180 -15.40 3.44 3.50
CA THR B 180 -15.61 2.33 4.47
C THR B 180 -16.82 2.67 5.32
N ILE B 181 -17.39 3.88 5.11
CA ILE B 181 -18.66 4.33 5.76
C ILE B 181 -19.74 3.26 5.49
N ASP B 182 -20.58 3.00 6.48
CA ASP B 182 -21.79 2.16 6.32
C ASP B 182 -23.00 3.06 6.56
N SER B 183 -23.72 3.40 5.50
CA SER B 183 -24.84 4.39 5.53
C SER B 183 -25.76 4.07 6.71
N ASN B 184 -25.98 2.79 7.05
CA ASN B 184 -26.93 2.30 8.09
C ASN B 184 -26.49 2.70 9.50
N ILE B 185 -25.18 2.65 9.77
CA ILE B 185 -24.61 3.14 11.07
C ILE B 185 -24.57 4.66 10.99
N GLN B 186 -23.96 5.19 9.93
CA GLN B 186 -23.75 6.63 9.70
C GLN B 186 -25.05 7.37 9.99
N VAL B 187 -26.18 6.67 9.81
CA VAL B 187 -27.54 7.13 10.19
C VAL B 187 -27.58 7.33 11.71
N PHE B 188 -27.51 6.23 12.48
CA PHE B 188 -27.64 6.23 13.96
C PHE B 188 -26.86 7.42 14.51
N VAL B 189 -25.66 7.65 13.95
CA VAL B 189 -24.70 8.72 14.35
C VAL B 189 -25.29 10.09 14.04
N GLU B 190 -25.70 10.34 12.80
CA GLU B 190 -26.18 11.68 12.36
C GLU B 190 -27.41 12.06 13.20
N GLU B 191 -28.19 11.07 13.64
CA GLU B 191 -29.43 11.27 14.43
C GLU B 191 -29.09 11.68 15.87
N ALA B 192 -28.27 10.88 16.55
CA ALA B 192 -27.88 11.10 17.96
C ALA B 192 -27.14 12.44 18.07
N LEU B 193 -26.24 12.75 17.12
CA LEU B 193 -25.49 14.04 17.07
C LEU B 193 -26.47 15.22 16.91
N ASP B 194 -27.51 15.08 16.09
CA ASP B 194 -28.63 16.06 16.00
C ASP B 194 -29.22 16.29 17.40
N GLY B 195 -29.49 15.19 18.12
CA GLY B 195 -30.09 15.17 19.48
C GLY B 195 -29.22 15.88 20.51
N MET B 196 -27.93 16.08 20.24
CA MET B 196 -27.04 16.85 21.16
C MET B 196 -27.17 18.35 20.86
N VAL B 197 -27.37 18.76 19.59
CA VAL B 197 -27.31 20.23 19.23
C VAL B 197 -28.63 20.89 19.66
N GLU B 198 -29.70 20.11 19.86
CA GLU B 198 -30.95 20.63 20.48
C GLU B 198 -30.86 20.61 22.00
N ARG B 199 -30.07 19.71 22.61
CA ARG B 199 -30.01 19.55 24.09
C ARG B 199 -28.93 20.47 24.69
N TYR B 200 -27.79 20.66 24.01
CA TYR B 200 -26.59 21.32 24.58
C TYR B 200 -26.09 22.45 23.68
N GLN B 201 -26.57 22.56 22.44
CA GLN B 201 -26.12 23.56 21.43
C GLN B 201 -24.63 23.87 21.61
N PRO B 202 -23.73 22.88 21.45
CA PRO B 202 -22.31 23.10 21.69
C PRO B 202 -21.71 23.94 20.56
N LYS B 203 -20.49 24.43 20.76
CA LYS B 203 -19.72 25.24 19.78
C LYS B 203 -19.00 24.30 18.81
N ASP B 204 -18.83 23.03 19.19
CA ASP B 204 -18.19 21.98 18.37
C ASP B 204 -18.58 20.61 18.95
N LEU B 205 -18.55 19.59 18.12
CA LEU B 205 -19.12 18.25 18.42
C LEU B 205 -18.64 17.31 17.31
N PHE B 206 -18.44 16.04 17.65
CA PHE B 206 -18.09 14.97 16.68
C PHE B 206 -18.37 13.61 17.33
N ALA B 207 -18.73 12.65 16.50
CA ALA B 207 -18.73 11.20 16.82
C ALA B 207 -18.00 10.48 15.70
N VAL B 208 -17.49 9.29 16.01
CA VAL B 208 -16.87 8.38 15.01
C VAL B 208 -17.03 6.95 15.54
N VAL B 209 -17.41 6.05 14.63
CA VAL B 209 -17.37 4.58 14.85
C VAL B 209 -16.23 4.03 14.01
N MET B 210 -15.52 3.03 14.55
CA MET B 210 -14.36 2.39 13.88
C MET B 210 -14.38 0.92 14.22
N ASP B 211 -14.17 0.08 13.21
CA ASP B 211 -14.05 -1.38 13.42
C ASP B 211 -12.83 -1.60 14.30
N ALA B 212 -13.06 -2.22 15.46
CA ALA B 212 -12.04 -2.57 16.48
C ALA B 212 -10.85 -3.28 15.82
N LYS B 213 -11.09 -4.07 14.77
CA LYS B 213 -10.14 -5.09 14.28
C LYS B 213 -9.51 -4.66 12.96
N THR B 214 -9.79 -3.46 12.44
CA THR B 214 -9.38 -3.07 11.06
C THR B 214 -8.93 -1.61 11.00
N GLY B 215 -9.64 -0.71 11.68
CA GLY B 215 -9.36 0.72 11.64
C GLY B 215 -10.17 1.40 10.56
N GLU B 216 -11.13 0.65 10.02
CA GLU B 216 -12.14 1.17 9.07
C GLU B 216 -13.05 2.11 9.86
N ILE B 217 -13.28 3.29 9.31
CA ILE B 217 -14.27 4.26 9.84
C ILE B 217 -15.63 3.80 9.33
N LEU B 218 -16.49 3.27 10.21
CA LEU B 218 -17.84 2.79 9.82
C LEU B 218 -18.81 3.97 9.73
N ALA B 219 -18.64 5.00 10.55
CA ALA B 219 -19.45 6.23 10.53
C ALA B 219 -18.67 7.39 11.16
N TYR B 220 -18.96 8.62 10.71
CA TYR B 220 -18.36 9.85 11.28
C TYR B 220 -19.17 11.07 10.86
N SER B 221 -19.52 11.91 11.83
CA SER B 221 -20.17 13.22 11.61
C SER B 221 -19.68 14.25 12.64
N GLN B 222 -19.89 15.53 12.35
CA GLN B 222 -19.49 16.65 13.23
C GLN B 222 -20.58 17.72 13.18
N ARG B 223 -20.59 18.60 14.18
CA ARG B 223 -21.45 19.82 14.25
C ARG B 223 -20.63 20.93 14.87
N PRO B 224 -20.62 22.15 14.30
CA PRO B 224 -21.48 22.51 13.19
C PRO B 224 -20.94 21.89 11.91
N THR B 225 -21.83 21.63 10.93
CA THR B 225 -21.55 20.88 9.68
C THR B 225 -22.00 21.76 8.50
N PHE B 226 -22.31 21.19 7.32
CA PHE B 226 -22.98 21.91 6.20
C PHE B 226 -23.76 20.91 5.34
N ASN B 227 -24.62 21.37 4.44
CA ASN B 227 -25.40 20.48 3.53
C ASN B 227 -24.86 20.60 2.11
N PRO B 228 -24.13 19.58 1.59
CA PRO B 228 -23.45 19.71 0.30
C PRO B 228 -24.41 19.87 -0.88
N GLU B 229 -25.62 19.31 -0.74
CA GLU B 229 -26.76 19.39 -1.69
C GLU B 229 -27.03 20.87 -2.01
N THR B 230 -27.34 21.65 -0.97
CA THR B 230 -27.76 23.08 -1.02
C THR B 230 -26.57 24.01 -1.25
N GLY B 231 -25.43 23.76 -0.59
CA GLY B 231 -24.27 24.69 -0.55
C GLY B 231 -24.37 25.64 0.63
N LYS B 232 -25.21 25.28 1.61
CA LYS B 232 -25.47 26.08 2.84
C LYS B 232 -24.47 25.67 3.93
N ASP B 233 -24.05 26.66 4.74
CA ASP B 233 -23.10 26.50 5.87
C ASP B 233 -21.70 26.21 5.30
N PHE B 234 -21.55 26.24 3.98
CA PHE B 234 -20.24 26.12 3.31
C PHE B 234 -19.53 27.47 3.40
N GLY B 235 -18.27 27.46 3.85
CA GLY B 235 -17.44 28.66 4.12
C GLY B 235 -17.29 28.93 5.61
N LYS B 236 -18.02 28.19 6.46
CA LYS B 236 -18.00 28.32 7.95
C LYS B 236 -16.79 27.54 8.46
N LYS B 237 -17.03 26.43 9.16
CA LYS B 237 -16.01 25.48 9.65
C LYS B 237 -15.33 24.80 8.45
N TRP B 238 -14.22 25.35 7.93
CA TRP B 238 -13.53 24.71 6.79
C TRP B 238 -12.71 23.49 7.25
N ALA B 239 -12.71 23.12 8.54
CA ALA B 239 -11.86 22.04 9.08
C ALA B 239 -12.70 20.82 9.51
N ASN B 240 -12.28 19.63 9.06
CA ASN B 240 -12.76 18.30 9.54
C ASN B 240 -12.31 18.09 10.99
N ASP B 241 -13.22 17.69 11.88
CA ASP B 241 -12.88 17.43 13.30
C ASP B 241 -11.87 16.28 13.33
N LEU B 242 -12.20 15.14 12.72
CA LEU B 242 -11.43 13.87 12.86
C LEU B 242 -9.94 14.07 12.52
N TYR B 243 -9.64 14.86 11.50
CA TYR B 243 -8.31 14.85 10.84
C TYR B 243 -7.63 16.20 11.05
N GLN B 244 -8.37 17.31 11.17
CA GLN B 244 -7.78 18.67 11.08
C GLN B 244 -7.89 19.47 12.38
N ASN B 245 -8.89 19.21 13.22
CA ASN B 245 -9.09 19.97 14.48
C ASN B 245 -8.31 19.29 15.61
N THR B 246 -7.53 20.05 16.37
CA THR B 246 -6.78 19.57 17.56
C THR B 246 -7.64 19.81 18.80
N TYR B 247 -7.45 18.98 19.82
CA TYR B 247 -8.12 19.10 21.15
C TYR B 247 -7.14 18.79 22.29
N GLU B 248 -7.29 19.50 23.40
CA GLU B 248 -6.83 19.06 24.74
C GLU B 248 -7.81 17.98 25.20
N PRO B 249 -7.46 16.69 25.05
CA PRO B 249 -8.45 15.60 25.03
C PRO B 249 -9.19 15.25 26.32
N GLY B 250 -8.53 15.55 27.45
CA GLY B 250 -8.98 15.20 28.81
C GLY B 250 -8.56 13.80 29.18
N SER B 251 -9.29 13.22 30.12
CA SER B 251 -8.88 11.95 30.71
C SER B 251 -8.99 10.70 29.87
N THR B 252 -9.54 10.84 28.67
CA THR B 252 -9.56 9.79 27.65
C THR B 252 -8.11 9.30 27.46
N PHE B 253 -7.17 10.21 27.74
CA PHE B 253 -5.71 10.15 27.44
C PHE B 253 -4.93 9.50 28.58
N LYS B 254 -5.54 9.35 29.73
CA LYS B 254 -4.90 8.63 30.87
C LYS B 254 -4.64 7.19 30.43
N SER B 255 -5.53 6.61 29.60
CA SER B 255 -5.47 5.21 29.13
C SER B 255 -4.02 4.90 28.71
N TYR B 256 -3.37 5.81 27.99
CA TYR B 256 -2.03 5.57 27.38
C TYR B 256 -0.99 5.68 28.50
N GLY B 257 -1.07 6.72 29.33
CA GLY B 257 -0.28 6.83 30.57
C GLY B 257 -0.33 5.53 31.35
N LEU B 258 -1.54 5.01 31.55
CA LEU B 258 -1.77 3.78 32.35
C LEU B 258 -1.08 2.61 31.67
N ALA B 259 -1.24 2.45 30.36
CA ALA B 259 -0.57 1.40 29.60
C ALA B 259 0.93 1.45 29.92
N ALA B 260 1.58 2.56 29.56
CA ALA B 260 3.03 2.81 29.74
C ALA B 260 3.42 2.32 31.13
N ALA B 261 2.76 2.84 32.16
CA ALA B 261 3.01 2.49 33.57
C ALA B 261 2.88 0.98 33.75
N ILE B 262 1.83 0.35 33.24
CA ILE B 262 1.64 -1.12 33.39
C ILE B 262 2.83 -1.84 32.77
N GLN B 263 3.28 -1.38 31.60
CA GLN B 263 4.46 -1.94 30.89
C GLN B 263 5.70 -1.76 31.78
N GLU B 264 6.02 -0.51 32.11
CA GLU B 264 7.20 -0.13 32.94
C GLU B 264 7.15 -0.80 34.32
N GLY B 265 5.96 -1.19 34.79
CA GLY B 265 5.74 -1.89 36.07
C GLY B 265 5.57 -0.90 37.23
N ALA B 266 5.17 0.34 36.91
CA ALA B 266 4.85 1.41 37.88
C ALA B 266 3.45 1.17 38.44
N PHE B 267 2.57 0.60 37.64
CA PHE B 267 1.14 0.39 38.00
C PHE B 267 0.97 -1.05 38.50
N ASP B 268 0.16 -1.21 39.53
CA ASP B 268 -0.39 -2.50 40.01
C ASP B 268 -1.71 -2.19 40.68
N PRO B 269 -2.83 -2.79 40.22
CA PRO B 269 -4.16 -2.43 40.71
C PRO B 269 -4.31 -2.49 42.23
N ASP B 270 -3.52 -3.34 42.90
CA ASP B 270 -3.61 -3.66 44.35
C ASP B 270 -2.56 -2.85 45.14
N LYS B 271 -1.60 -2.21 44.45
CA LYS B 271 -0.61 -1.30 45.10
C LYS B 271 -1.33 0.00 45.48
N LYS B 272 -0.94 0.56 46.62
CA LYS B 272 -1.57 1.77 47.19
C LYS B 272 -0.77 2.99 46.76
N TYR B 273 -1.40 4.16 46.73
CA TYR B 273 -0.75 5.47 46.50
C TYR B 273 -1.54 6.54 47.26
N LYS B 274 -0.96 7.71 47.45
CA LYS B 274 -1.56 8.80 48.26
C LYS B 274 -2.29 9.77 47.31
N SER B 275 -3.62 9.77 47.36
CA SER B 275 -4.51 10.67 46.59
C SER B 275 -4.69 11.98 47.34
N GLY B 276 -5.09 13.03 46.64
CA GLY B 276 -5.38 14.36 47.20
C GLY B 276 -5.01 15.44 46.22
N HIS B 277 -3.76 15.87 46.22
CA HIS B 277 -3.27 17.00 45.36
C HIS B 277 -1.77 16.85 45.16
N ARG B 278 -1.20 17.56 44.20
CA ARG B 278 0.28 17.65 44.05
C ARG B 278 0.66 19.10 43.83
N ASP B 279 1.70 19.53 44.51
CA ASP B 279 2.20 20.94 44.44
C ASP B 279 3.39 20.91 43.49
N ILE B 280 3.20 21.58 42.37
CA ILE B 280 4.12 21.51 41.21
C ILE B 280 4.22 22.91 40.60
N MET B 281 5.45 23.43 40.52
CA MET B 281 5.74 24.84 40.16
C MET B 281 4.70 25.72 40.85
N GLY B 282 4.53 25.49 42.16
CA GLY B 282 3.60 26.19 43.07
C GLY B 282 2.18 26.22 42.53
N SER B 283 1.59 25.06 42.25
CA SER B 283 0.16 24.91 41.82
C SER B 283 -0.41 23.64 42.42
N ARG B 284 -1.59 23.74 43.04
CA ARG B 284 -2.24 22.60 43.75
C ARG B 284 -3.19 21.94 42.74
N ILE B 285 -2.63 21.23 41.76
CA ILE B 285 -3.44 20.36 40.86
C ILE B 285 -3.82 19.09 41.65
N SER B 286 -5.10 18.79 41.67
CA SER B 286 -5.75 17.93 42.68
C SER B 286 -6.80 17.05 42.02
N ASP B 287 -7.17 15.96 42.68
CA ASP B 287 -8.26 15.09 42.19
C ASP B 287 -9.50 15.95 42.06
N TRP B 288 -10.50 15.45 41.34
CA TRP B 288 -11.74 16.22 41.03
C TRP B 288 -12.56 16.53 42.30
N ASN B 289 -12.38 15.83 43.43
CA ASN B 289 -13.12 16.13 44.69
C ASN B 289 -12.29 17.09 45.57
N ARG B 290 -11.06 17.41 45.14
CA ARG B 290 -10.13 18.42 45.75
C ARG B 290 -9.44 17.81 46.99
N VAL B 291 -10.12 16.88 47.67
CA VAL B 291 -9.67 16.27 48.95
C VAL B 291 -8.87 15.00 48.68
N GLY B 292 -9.27 14.27 47.64
CA GLY B 292 -8.79 12.89 47.40
C GLY B 292 -9.63 11.88 48.18
N TRP B 293 -9.11 10.65 48.29
CA TRP B 293 -9.68 9.53 49.07
C TRP B 293 -8.56 8.91 49.93
N GLY B 294 -7.47 9.68 50.13
CA GLY B 294 -6.29 9.33 50.95
C GLY B 294 -5.43 8.26 50.30
N GLU B 295 -5.05 7.25 51.06
CA GLU B 295 -4.32 6.05 50.57
C GLU B 295 -5.35 5.08 49.97
N ILE B 296 -5.29 4.84 48.66
CA ILE B 296 -6.19 3.89 47.93
C ILE B 296 -5.38 3.08 46.93
N PRO B 297 -5.92 1.92 46.47
CA PRO B 297 -5.28 1.11 45.44
C PRO B 297 -5.34 1.82 44.08
N MET B 298 -4.30 1.64 43.25
CA MET B 298 -4.18 2.31 41.92
C MET B 298 -5.42 2.03 41.05
N SER B 299 -5.95 0.80 41.09
CA SER B 299 -7.19 0.38 40.37
C SER B 299 -8.28 1.43 40.55
N LEU B 300 -8.67 1.65 41.80
CA LEU B 300 -9.78 2.55 42.19
C LEU B 300 -9.48 3.95 41.66
N GLY B 301 -8.23 4.38 41.80
CA GLY B 301 -7.74 5.71 41.36
C GLY B 301 -8.12 5.97 39.92
N PHE B 302 -7.90 4.98 39.05
CA PHE B 302 -8.26 5.03 37.61
C PHE B 302 -9.79 5.01 37.46
N THR B 303 -10.44 3.98 38.03
CA THR B 303 -11.92 3.86 38.12
C THR B 303 -12.51 5.22 38.50
N TYR B 304 -11.89 5.92 39.46
CA TYR B 304 -12.30 7.25 39.96
C TYR B 304 -11.88 8.35 38.98
N SER B 305 -10.77 8.16 38.26
CA SER B 305 -10.06 9.18 37.46
C SER B 305 -9.32 10.15 38.39
N SER B 306 -8.40 9.60 39.19
CA SER B 306 -7.48 10.36 40.08
C SER B 306 -6.39 10.99 39.23
N ASN B 307 -6.34 12.31 39.16
CA ASN B 307 -5.24 13.02 38.45
C ASN B 307 -3.92 12.76 39.19
N THR B 308 -3.96 12.65 40.51
CA THR B 308 -2.75 12.42 41.33
C THR B 308 -2.11 11.11 40.86
N LEU B 309 -2.92 10.07 40.67
CA LEU B 309 -2.43 8.74 40.21
C LEU B 309 -1.51 8.95 39.02
N MET B 310 -2.02 9.59 37.97
CA MET B 310 -1.27 9.82 36.70
C MET B 310 0.04 10.55 36.99
N MET B 311 0.01 11.51 37.90
CA MET B 311 1.20 12.31 38.25
C MET B 311 2.17 11.42 39.03
N HIS B 312 1.63 10.56 39.88
CA HIS B 312 2.42 9.58 40.65
C HIS B 312 3.16 8.67 39.67
N LEU B 313 2.43 8.16 38.67
CA LEU B 313 2.94 7.17 37.68
C LEU B 313 3.94 7.85 36.77
N GLN B 314 3.74 9.14 36.45
CA GLN B 314 4.70 9.91 35.63
C GLN B 314 6.05 9.92 36.36
N ASP B 315 6.01 10.14 37.67
CA ASP B 315 7.20 10.29 38.54
C ASP B 315 7.90 8.94 38.61
N LEU B 316 7.15 7.87 38.87
CA LEU B 316 7.63 6.47 38.93
C LEU B 316 8.29 6.05 37.60
N VAL B 317 7.70 6.37 36.45
CA VAL B 317 8.25 5.99 35.11
C VAL B 317 9.38 6.98 34.77
N GLY B 318 9.12 8.29 34.88
CA GLY B 318 10.12 9.33 34.62
C GLY B 318 9.81 10.09 33.35
N ALA B 319 9.80 11.41 33.44
CA ALA B 319 9.33 12.35 32.38
C ALA B 319 9.82 11.86 31.01
N ASP B 320 11.12 11.69 30.87
CA ASP B 320 11.75 11.45 29.54
C ASP B 320 11.20 10.15 28.94
N LYS B 321 10.94 9.12 29.75
CA LYS B 321 10.35 7.85 29.25
C LYS B 321 8.88 8.05 28.91
N MET B 322 8.16 8.93 29.62
CA MET B 322 6.72 9.17 29.38
C MET B 322 6.53 9.99 28.10
N LYS B 323 7.49 10.83 27.72
CA LYS B 323 7.45 11.50 26.39
C LYS B 323 7.63 10.43 25.33
N SER B 324 8.70 9.63 25.42
CA SER B 324 9.03 8.49 24.52
C SER B 324 7.81 7.58 24.35
N TRP B 325 7.03 7.39 25.41
CA TRP B 325 5.80 6.56 25.40
C TRP B 325 4.67 7.26 24.64
N TYR B 326 4.47 8.55 24.87
CA TYR B 326 3.39 9.34 24.24
C TYR B 326 3.69 9.48 22.74
N GLU B 327 4.98 9.55 22.38
CA GLU B 327 5.44 9.49 20.97
C GLU B 327 5.15 8.10 20.41
N ARG B 328 5.43 7.04 21.16
CA ARG B 328 5.23 5.63 20.73
C ARG B 328 3.74 5.28 20.54
N PHE B 329 2.82 6.11 21.04
CA PHE B 329 1.36 5.94 20.83
C PHE B 329 0.90 6.82 19.64
N GLY B 330 1.89 7.48 19.04
CA GLY B 330 1.75 8.14 17.74
C GLY B 330 1.05 9.46 17.92
N PHE B 331 1.46 10.22 18.94
CA PHE B 331 0.96 11.59 19.19
C PHE B 331 2.01 12.60 18.74
N GLY B 332 1.54 13.82 18.49
CA GLY B 332 2.36 14.92 17.92
C GLY B 332 2.95 14.55 16.58
N LYS B 333 2.36 13.59 15.86
CA LYS B 333 2.79 13.18 14.49
C LYS B 333 1.58 12.61 13.74
N SER B 334 1.28 13.17 12.57
CA SER B 334 0.09 12.81 11.74
C SER B 334 -0.05 11.30 11.65
N THR B 335 -1.28 10.77 11.56
CA THR B 335 -1.57 9.32 11.37
C THR B 335 -1.36 8.92 9.91
N LYS B 336 -1.15 9.92 9.04
CA LYS B 336 -0.91 9.80 7.58
C LYS B 336 -2.15 9.23 6.88
N GLY B 337 -3.33 9.25 7.50
CA GLY B 337 -4.60 8.91 6.83
C GLY B 337 -4.77 9.76 5.59
N MET B 338 -5.79 9.50 4.78
CA MET B 338 -5.90 10.05 3.40
C MET B 338 -6.77 11.30 3.37
N PHE B 339 -6.50 12.26 4.25
CA PHE B 339 -7.31 13.49 4.32
C PHE B 339 -6.37 14.68 4.10
N ASP B 340 -6.91 15.82 3.69
CA ASP B 340 -6.10 17.04 3.42
C ASP B 340 -5.65 17.63 4.73
N GLY B 341 -4.43 18.18 4.75
CA GLY B 341 -3.82 18.83 5.92
C GLY B 341 -4.21 18.17 7.24
N GLU B 342 -3.80 16.92 7.45
CA GLU B 342 -3.99 16.27 8.77
C GLU B 342 -3.11 17.02 9.77
N ALA B 343 -3.65 17.37 10.93
CA ALA B 343 -2.95 18.08 12.03
C ALA B 343 -2.16 17.07 12.85
N PRO B 344 -0.99 17.45 13.40
CA PRO B 344 -0.19 16.56 14.23
C PRO B 344 -0.44 16.73 15.75
N GLY B 345 -0.85 17.93 16.17
CA GLY B 345 -0.89 18.30 17.59
C GLY B 345 0.51 18.28 18.17
N GLN B 346 0.65 18.51 19.48
CA GLN B 346 1.98 18.56 20.16
C GLN B 346 1.84 17.91 21.54
N ILE B 347 2.94 17.34 22.03
CA ILE B 347 3.06 16.78 23.40
C ILE B 347 3.51 17.93 24.30
N GLY B 348 2.74 18.25 25.35
CA GLY B 348 3.06 19.32 26.32
C GLY B 348 4.13 18.90 27.32
N TRP B 349 5.39 19.26 27.03
CA TRP B 349 6.58 18.76 27.77
C TRP B 349 7.67 19.85 27.79
N SER B 350 7.28 21.13 27.81
CA SER B 350 8.19 22.31 27.83
C SER B 350 8.71 22.53 29.26
N ASN B 351 7.82 22.47 30.23
CA ASN B 351 8.13 22.63 31.68
C ASN B 351 7.38 21.54 32.43
N GLU B 352 7.67 21.38 33.72
CA GLU B 352 7.22 20.21 34.50
C GLU B 352 5.70 20.29 34.70
N LEU B 353 5.09 21.48 34.54
CA LEU B 353 3.62 21.62 34.69
C LEU B 353 2.94 21.01 33.47
N GLN B 354 3.33 21.49 32.28
CA GLN B 354 2.88 20.92 30.98
C GLN B 354 2.87 19.40 31.09
N GLN B 355 3.97 18.82 31.61
CA GLN B 355 4.20 17.35 31.66
C GLN B 355 3.17 16.70 32.58
N LYS B 356 2.91 17.28 33.75
CA LYS B 356 1.97 16.65 34.71
C LYS B 356 0.54 16.83 34.17
N THR B 357 0.18 18.03 33.73
CA THR B 357 -1.18 18.30 33.16
C THR B 357 -1.43 17.36 31.97
N SER B 358 -0.42 17.10 31.14
CA SER B 358 -0.49 16.11 30.05
C SER B 358 -1.08 14.79 30.58
N SER B 359 -0.51 14.25 31.64
CA SER B 359 -0.85 12.90 32.19
C SER B 359 -2.37 12.69 32.22
N PHE B 360 -3.18 13.74 32.41
CA PHE B 360 -4.68 13.68 32.45
C PHE B 360 -5.31 14.50 31.30
N GLY B 361 -4.54 14.75 30.24
CA GLY B 361 -5.06 15.16 28.92
C GLY B 361 -5.32 16.64 28.83
N GLN B 362 -4.41 17.46 29.37
CA GLN B 362 -4.35 18.93 29.15
C GLN B 362 -2.95 19.26 28.67
N SER B 363 -2.73 20.48 28.15
CA SER B 363 -1.46 20.92 27.51
C SER B 363 -1.30 20.25 26.14
N THR B 364 -1.14 18.93 26.13
CA THR B 364 -0.99 18.11 24.90
C THR B 364 -2.24 18.28 24.02
N THR B 365 -2.06 18.57 22.72
CA THR B 365 -3.15 18.63 21.70
C THR B 365 -3.07 17.41 20.76
N VAL B 366 -4.24 16.86 20.43
CA VAL B 366 -4.39 15.62 19.63
C VAL B 366 -5.50 15.79 18.57
N THR B 367 -5.36 15.07 17.46
CA THR B 367 -6.46 14.75 16.51
C THR B 367 -7.22 13.56 17.10
N PRO B 368 -8.57 13.56 17.05
CA PRO B 368 -9.35 12.42 17.55
C PRO B 368 -8.93 11.11 16.89
N VAL B 369 -8.46 11.18 15.64
CA VAL B 369 -7.95 10.00 14.87
C VAL B 369 -6.75 9.42 15.63
N GLN B 370 -5.79 10.28 16.03
CA GLN B 370 -4.57 9.89 16.80
C GLN B 370 -4.98 8.99 17.97
N MET B 371 -6.11 9.34 18.58
CA MET B 371 -6.72 8.70 19.77
C MET B 371 -7.28 7.34 19.39
N LEU B 372 -7.93 7.27 18.24
CA LEU B 372 -8.51 6.01 17.74
C LEU B 372 -7.39 5.01 17.50
N GLN B 373 -6.34 5.49 16.82
CA GLN B 373 -5.11 4.72 16.52
C GLN B 373 -4.65 4.07 17.81
N ALA B 374 -4.31 4.92 18.78
CA ALA B 374 -3.81 4.52 20.10
C ALA B 374 -4.76 3.48 20.69
N GLN B 375 -6.04 3.81 20.86
CA GLN B 375 -6.97 2.98 21.66
C GLN B 375 -7.02 1.59 21.03
N SER B 376 -6.89 1.51 19.71
CA SER B 376 -6.94 0.23 18.95
C SER B 376 -5.98 -0.79 19.55
N ALA B 377 -4.80 -0.34 19.99
CA ALA B 377 -3.69 -1.20 20.48
C ALA B 377 -4.17 -2.12 21.61
N PHE B 378 -5.23 -1.76 22.32
CA PHE B 378 -5.70 -2.51 23.51
C PHE B 378 -6.51 -3.74 23.09
N PHE B 379 -6.94 -3.82 21.83
CA PHE B 379 -7.81 -4.92 21.34
C PHE B 379 -7.07 -5.75 20.30
N ASN B 380 -6.04 -5.15 19.67
CA ASN B 380 -5.18 -5.77 18.64
C ASN B 380 -3.83 -6.12 19.27
N ASP B 381 -3.89 -6.79 20.43
CA ASP B 381 -2.77 -7.44 21.15
C ASP B 381 -1.53 -6.56 21.09
N GLY B 382 -1.70 -5.24 21.24
CA GLY B 382 -0.61 -4.27 21.40
C GLY B 382 -0.42 -3.40 20.17
N ASN B 383 -0.92 -3.85 19.02
CA ASN B 383 -0.71 -3.18 17.71
C ASN B 383 -1.72 -2.07 17.55
N MET B 384 -1.25 -0.86 17.29
CA MET B 384 -2.08 0.28 16.84
C MET B 384 -2.42 0.07 15.37
N LEU B 385 -3.71 0.17 14.99
CA LEU B 385 -4.20 0.06 13.60
C LEU B 385 -4.35 1.46 12.98
N LYS B 386 -3.59 1.74 11.93
CA LYS B 386 -3.72 3.01 11.17
C LYS B 386 -5.15 3.13 10.65
N PRO B 387 -5.91 4.17 11.10
CA PRO B 387 -7.29 4.33 10.67
C PRO B 387 -7.32 4.86 9.24
N TRP B 388 -8.29 4.33 8.51
CA TRP B 388 -8.54 4.53 7.05
C TRP B 388 -10.05 4.46 6.83
N PHE B 389 -10.53 5.27 5.87
CA PHE B 389 -11.97 5.45 5.52
C PHE B 389 -12.18 5.29 4.01
N VAL B 390 -11.11 5.26 3.22
CA VAL B 390 -11.13 5.17 1.73
C VAL B 390 -10.83 3.73 1.35
N ASN B 391 -11.80 3.04 0.77
CA ASN B 391 -11.73 1.57 0.50
C ASN B 391 -11.02 1.33 -0.83
N SER B 392 -11.30 2.15 -1.85
CA SER B 392 -10.76 2.02 -3.23
C SER B 392 -11.12 3.22 -4.09
N VAL B 393 -10.24 3.52 -5.06
CA VAL B 393 -10.48 4.47 -6.17
C VAL B 393 -10.28 3.70 -7.48
N GLU B 394 -11.36 3.45 -8.21
CA GLU B 394 -11.41 2.49 -9.35
C GLU B 394 -12.43 2.91 -10.40
N ASN B 395 -11.93 3.16 -11.61
CA ASN B 395 -12.73 3.48 -12.82
C ASN B 395 -13.71 2.34 -13.06
N PRO B 396 -15.03 2.58 -13.14
CA PRO B 396 -16.01 1.49 -13.17
C PRO B 396 -16.14 0.88 -14.57
N VAL B 397 -15.50 1.51 -15.55
CA VAL B 397 -15.34 0.93 -16.93
C VAL B 397 -14.12 0.02 -16.89
N SER B 398 -12.92 0.59 -16.69
CA SER B 398 -11.63 -0.14 -16.71
C SER B 398 -11.60 -1.20 -15.60
N LYS B 399 -12.22 -0.90 -14.43
CA LYS B 399 -12.21 -1.71 -13.18
C LYS B 399 -10.84 -1.63 -12.50
N ARG B 400 -10.00 -0.69 -12.91
CA ARG B 400 -8.59 -0.58 -12.45
C ARG B 400 -8.60 0.11 -11.09
N GLN B 401 -8.29 -0.62 -10.02
CA GLN B 401 -8.07 -0.05 -8.66
C GLN B 401 -6.83 0.82 -8.69
N PHE B 402 -7.00 2.13 -8.94
CA PHE B 402 -5.92 3.15 -8.90
C PHE B 402 -5.27 3.16 -7.51
N TYR B 403 -6.10 3.14 -6.46
CA TYR B 403 -5.72 2.93 -5.03
C TYR B 403 -6.71 1.96 -4.37
N LYS B 404 -6.21 1.21 -3.42
CA LYS B 404 -7.03 0.32 -2.57
C LYS B 404 -6.53 0.44 -1.13
N GLY B 405 -7.47 0.61 -0.19
CA GLY B 405 -7.16 0.68 1.25
C GLY B 405 -7.06 -0.70 1.84
N GLN B 406 -6.53 -0.77 3.05
CA GLN B 406 -6.38 -2.02 3.86
C GLN B 406 -5.95 -1.65 5.29
N LYS B 407 -6.02 -2.63 6.18
CA LYS B 407 -5.58 -2.48 7.58
C LYS B 407 -4.06 -2.61 7.61
N GLN B 408 -3.36 -1.53 7.92
CA GLN B 408 -1.93 -1.55 8.27
C GLN B 408 -1.76 -1.28 9.76
N ILE B 409 -0.52 -1.40 10.24
CA ILE B 409 -0.11 -1.26 11.66
C ILE B 409 0.75 -0.01 11.77
N ALA B 410 0.34 0.94 12.63
CA ALA B 410 1.02 2.23 12.84
C ALA B 410 2.14 2.06 13.88
N GLY B 411 2.04 0.99 14.68
CA GLY B 411 3.07 0.58 15.65
C GLY B 411 2.53 -0.51 16.57
N LYS B 412 3.40 -1.17 17.31
CA LYS B 412 3.01 -2.00 18.47
C LYS B 412 3.76 -1.44 19.66
N PRO B 413 3.24 -0.39 20.34
CA PRO B 413 3.97 0.22 21.46
C PRO B 413 3.98 -0.62 22.75
N ILE B 414 3.00 -1.52 22.92
CA ILE B 414 2.82 -2.33 24.16
C ILE B 414 2.68 -3.81 23.79
N THR B 415 2.80 -4.70 24.77
CA THR B 415 2.64 -6.17 24.59
C THR B 415 1.17 -6.55 24.77
N LYS B 416 0.82 -7.79 24.42
CA LYS B 416 -0.58 -8.29 24.54
C LYS B 416 -0.99 -8.23 26.00
N ASP B 417 -0.12 -8.71 26.88
CA ASP B 417 -0.34 -8.70 28.34
C ASP B 417 -0.81 -7.31 28.77
N THR B 418 0.07 -6.31 28.62
CA THR B 418 -0.22 -4.89 28.90
C THR B 418 -1.64 -4.54 28.48
N ALA B 419 -1.93 -4.69 27.17
CA ALA B 419 -3.23 -4.38 26.56
C ALA B 419 -4.37 -5.00 27.38
N GLU B 420 -4.28 -6.30 27.68
CA GLU B 420 -5.32 -7.04 28.44
C GLU B 420 -5.60 -6.36 29.78
N LYS B 421 -4.55 -5.93 30.46
CA LYS B 421 -4.65 -5.22 31.77
C LYS B 421 -5.32 -3.88 31.55
N VAL B 422 -4.84 -3.11 30.57
CA VAL B 422 -5.45 -1.80 30.22
C VAL B 422 -6.95 -2.02 30.06
N GLU B 423 -7.35 -3.07 29.36
CA GLU B 423 -8.78 -3.36 29.11
C GLU B 423 -9.49 -3.51 30.45
N LYS B 424 -8.93 -4.27 31.41
CA LYS B 424 -9.65 -4.59 32.66
C LYS B 424 -10.03 -3.28 33.36
N GLN B 425 -9.11 -2.32 33.37
CA GLN B 425 -9.29 -1.04 34.07
C GLN B 425 -10.39 -0.26 33.38
N LEU B 426 -10.43 -0.31 32.05
CA LEU B 426 -11.49 0.33 31.22
C LEU B 426 -12.82 -0.35 31.53
N ASP B 427 -12.82 -1.66 31.73
CA ASP B 427 -14.02 -2.42 32.14
C ASP B 427 -14.54 -1.82 33.44
N LEU B 428 -13.65 -1.56 34.41
CA LEU B 428 -14.03 -1.08 35.76
C LEU B 428 -14.52 0.35 35.66
N VAL B 429 -13.80 1.22 34.94
CA VAL B 429 -14.23 2.62 34.73
C VAL B 429 -15.75 2.66 34.61
N VAL B 430 -16.31 1.77 33.79
CA VAL B 430 -17.76 1.73 33.46
C VAL B 430 -18.46 0.72 34.38
N ASN B 431 -17.91 -0.49 34.54
CA ASN B 431 -18.62 -1.64 35.16
C ASN B 431 -18.04 -1.97 36.55
N SER B 432 -17.77 -0.96 37.38
CA SER B 432 -17.33 -1.13 38.80
C SER B 432 -18.50 -0.75 39.73
N LYS B 433 -18.56 -1.35 40.93
CA LYS B 433 -19.50 -0.91 41.99
C LYS B 433 -19.32 0.61 42.20
N LYS B 434 -18.10 1.13 42.01
CA LYS B 434 -17.74 2.54 42.32
C LYS B 434 -17.73 3.37 41.04
N SER B 435 -18.28 2.85 39.94
CA SER B 435 -18.26 3.52 38.61
C SER B 435 -18.90 4.91 38.72
N HIS B 436 -18.18 5.94 38.28
CA HIS B 436 -18.67 7.33 38.19
C HIS B 436 -19.02 7.62 36.72
N ALA B 437 -19.16 6.54 35.94
CA ALA B 437 -19.37 6.57 34.48
C ALA B 437 -20.42 5.52 34.07
N ALA B 438 -21.34 5.17 34.98
CA ALA B 438 -22.37 4.15 34.74
C ALA B 438 -23.43 4.72 33.79
N ASN B 439 -23.44 6.06 33.61
CA ASN B 439 -24.37 6.79 32.70
C ASN B 439 -24.10 6.39 31.24
N TYR B 440 -22.95 5.78 30.98
CA TYR B 440 -22.50 5.31 29.64
C TYR B 440 -22.84 3.84 29.42
N ARG B 441 -23.64 3.21 30.30
CA ARG B 441 -23.99 1.77 30.17
C ARG B 441 -25.16 1.59 29.19
N ILE B 442 -25.38 0.33 28.78
CA ILE B 442 -26.49 -0.11 27.89
C ILE B 442 -27.02 -1.45 28.42
N ASP B 443 -28.33 -1.57 28.62
CA ASP B 443 -28.99 -2.86 28.98
C ASP B 443 -28.84 -3.81 27.78
N GLY B 444 -28.37 -5.03 28.05
CA GLY B 444 -28.29 -6.13 27.07
C GLY B 444 -26.89 -6.28 26.47
N TYR B 445 -26.10 -5.20 26.44
CA TYR B 445 -24.73 -5.14 25.86
C TYR B 445 -23.72 -4.60 26.89
N GLU B 446 -22.69 -5.39 27.23
CA GLU B 446 -21.66 -5.04 28.24
C GLU B 446 -20.60 -4.16 27.57
N VAL B 447 -20.42 -2.96 28.12
CA VAL B 447 -19.57 -1.88 27.58
C VAL B 447 -18.32 -1.73 28.45
N GLU B 448 -17.37 -0.94 27.96
CA GLU B 448 -16.15 -0.48 28.66
C GLU B 448 -15.70 0.79 27.92
N GLY B 449 -14.83 1.58 28.55
CA GLY B 449 -14.28 2.79 27.93
C GLY B 449 -13.78 3.75 28.98
N LYS B 450 -13.47 4.98 28.59
CA LYS B 450 -12.92 6.02 29.49
C LYS B 450 -13.55 7.37 29.16
N THR B 451 -13.85 8.15 30.21
CA THR B 451 -14.55 9.46 30.20
C THR B 451 -13.51 10.57 30.20
N GLY B 452 -13.89 11.78 29.80
CA GLY B 452 -12.90 12.84 29.54
C GLY B 452 -13.49 14.23 29.60
N THR B 453 -13.73 14.72 30.81
CA THR B 453 -14.08 16.14 31.08
C THR B 453 -12.78 16.94 31.18
N ALA B 454 -12.69 18.09 30.52
CA ALA B 454 -11.41 18.78 30.24
C ALA B 454 -11.62 20.22 29.80
N GLN B 455 -10.84 21.16 30.33
CA GLN B 455 -10.99 22.61 30.04
C GLN B 455 -10.46 22.89 28.64
N VAL B 456 -10.95 23.98 28.05
CA VAL B 456 -10.71 24.36 26.65
C VAL B 456 -9.91 25.66 26.66
N ALA B 457 -9.14 25.92 25.61
CA ALA B 457 -8.30 27.13 25.45
C ALA B 457 -9.09 28.22 24.72
N ALA B 458 -8.72 29.49 24.91
CA ALA B 458 -9.24 30.67 24.18
C ALA B 458 -8.64 30.72 22.77
N PRO B 459 -9.42 31.14 21.74
CA PRO B 459 -8.99 30.98 20.34
C PRO B 459 -7.53 31.35 20.05
N ASN B 460 -7.15 32.62 20.28
CA ASN B 460 -5.75 33.12 20.19
C ASN B 460 -5.48 34.02 21.41
N GLY B 461 -6.28 35.07 21.60
CA GLY B 461 -6.29 35.92 22.81
C GLY B 461 -6.82 35.15 24.01
N GLY B 462 -5.95 34.84 24.99
CA GLY B 462 -6.30 34.28 26.32
C GLY B 462 -5.52 33.01 26.67
N GLY B 463 -5.76 32.48 27.87
CA GLY B 463 -5.20 31.19 28.34
C GLY B 463 -6.20 30.06 28.19
N TYR B 464 -7.24 30.04 29.04
CA TYR B 464 -8.27 28.97 29.14
C TYR B 464 -9.67 29.59 29.19
N VAL B 465 -10.61 29.03 28.42
CA VAL B 465 -12.02 29.48 28.39
C VAL B 465 -12.62 29.31 29.79
N LYS B 466 -13.28 30.37 30.25
CA LYS B 466 -13.96 30.48 31.55
C LYS B 466 -15.47 30.55 31.27
N GLY B 467 -16.28 30.33 32.31
CA GLY B 467 -17.74 30.14 32.20
C GLY B 467 -18.21 29.13 33.24
N PRO B 468 -19.46 28.61 33.10
CA PRO B 468 -20.08 27.79 34.15
C PRO B 468 -19.48 26.38 34.20
N ASN B 469 -19.46 25.73 33.03
CA ASN B 469 -18.79 24.44 32.77
C ASN B 469 -18.07 24.55 31.44
N PRO B 470 -16.94 25.28 31.36
CA PRO B 470 -16.26 25.55 30.08
C PRO B 470 -15.38 24.39 29.63
N TYR B 471 -15.99 23.22 29.40
CA TYR B 471 -15.32 21.91 29.23
C TYR B 471 -15.55 21.30 27.83
N PHE B 472 -14.65 20.39 27.48
CA PHE B 472 -14.78 19.41 26.36
C PHE B 472 -14.98 18.02 26.98
N VAL B 473 -16.22 17.59 27.12
CA VAL B 473 -16.57 16.20 27.57
C VAL B 473 -16.40 15.26 26.37
N SER B 474 -15.77 14.10 26.61
CA SER B 474 -15.56 13.02 25.61
C SER B 474 -15.84 11.68 26.28
N PHE B 475 -15.98 10.62 25.47
CA PHE B 475 -15.93 9.20 25.88
C PHE B 475 -15.35 8.36 24.73
N MET B 476 -14.51 7.39 25.07
CA MET B 476 -13.89 6.41 24.14
C MET B 476 -14.20 5.00 24.63
N GLY B 477 -15.39 4.55 24.27
CA GLY B 477 -15.86 3.20 24.61
C GLY B 477 -15.77 2.26 23.42
N ASP B 478 -15.97 0.99 23.74
CA ASP B 478 -15.95 -0.16 22.80
C ASP B 478 -16.84 -1.25 23.39
N ALA B 479 -17.58 -1.96 22.55
CA ALA B 479 -18.40 -3.12 22.94
C ALA B 479 -18.27 -4.18 21.84
N PRO B 480 -18.53 -5.46 22.17
CA PRO B 480 -18.62 -5.95 23.54
C PRO B 480 -17.27 -5.93 24.26
N LYS B 481 -17.28 -5.72 25.57
CA LYS B 481 -16.06 -5.55 26.40
C LYS B 481 -15.16 -6.78 26.26
N LYS B 482 -13.85 -6.52 26.26
CA LYS B 482 -12.72 -7.50 26.11
C LYS B 482 -12.44 -7.75 24.62
N ASN B 483 -13.37 -8.41 23.90
CA ASN B 483 -13.24 -8.74 22.45
C ASN B 483 -14.28 -7.91 21.71
N PRO B 484 -14.03 -6.60 21.51
CA PRO B 484 -15.04 -5.72 20.96
C PRO B 484 -15.09 -5.83 19.44
N LYS B 485 -16.19 -5.35 18.86
CA LYS B 485 -16.43 -5.27 17.41
C LYS B 485 -16.12 -3.84 16.95
N VAL B 486 -16.53 -2.86 17.74
CA VAL B 486 -16.46 -1.41 17.37
C VAL B 486 -16.06 -0.54 18.55
N ILE B 487 -15.39 0.55 18.22
CA ILE B 487 -14.97 1.64 19.14
C ILE B 487 -15.78 2.88 18.77
N VAL B 488 -16.41 3.53 19.73
CA VAL B 488 -17.08 4.83 19.49
C VAL B 488 -16.37 5.91 20.33
N TYR B 489 -15.88 6.95 19.66
CA TYR B 489 -15.31 8.15 20.30
C TYR B 489 -16.25 9.31 19.99
N ALA B 490 -16.69 10.00 21.03
CA ALA B 490 -17.63 11.14 20.93
C ALA B 490 -17.09 12.28 21.79
N GLY B 491 -17.12 13.51 21.25
CA GLY B 491 -16.63 14.71 21.94
C GLY B 491 -17.51 15.91 21.70
N MET B 492 -17.77 16.68 22.77
CA MET B 492 -18.61 17.91 22.74
C MET B 492 -17.85 19.06 23.38
N SER B 493 -17.72 20.18 22.67
CA SER B 493 -16.96 21.37 23.11
C SER B 493 -17.96 22.48 23.52
N LEU B 494 -17.84 22.99 24.76
CA LEU B 494 -18.44 24.29 25.21
C LEU B 494 -19.95 24.29 24.99
N ALA B 495 -20.66 23.31 25.59
CA ALA B 495 -22.14 23.20 25.57
C ALA B 495 -22.76 24.54 25.98
N GLN B 496 -23.41 25.25 25.06
CA GLN B 496 -24.03 26.58 25.32
C GLN B 496 -25.44 26.39 25.94
N LYS B 497 -25.74 25.19 26.45
CA LYS B 497 -27.04 24.85 27.08
C LYS B 497 -26.86 23.57 27.92
N ASN B 498 -27.72 23.36 28.93
CA ASN B 498 -27.70 22.22 29.89
C ASN B 498 -26.27 21.95 30.41
N ASP B 499 -25.48 23.00 30.69
CA ASP B 499 -24.03 22.87 31.06
C ASP B 499 -23.85 21.87 32.20
N GLN B 500 -24.73 21.96 33.21
CA GLN B 500 -24.74 21.03 34.38
C GLN B 500 -25.64 19.87 33.98
N GLU B 501 -25.25 19.16 32.94
CA GLU B 501 -25.87 17.89 32.48
C GLU B 501 -24.87 17.28 31.51
N ALA B 502 -24.34 18.14 30.62
CA ALA B 502 -23.07 17.98 29.88
C ALA B 502 -22.00 17.54 30.88
N TYR B 503 -21.74 18.35 31.91
CA TYR B 503 -20.72 18.03 32.93
C TYR B 503 -21.05 16.64 33.51
N GLU B 504 -22.32 16.38 33.81
CA GLU B 504 -22.75 15.20 34.60
C GLU B 504 -22.75 13.93 33.73
N LEU B 505 -23.53 13.94 32.66
CA LEU B 505 -23.74 12.76 31.77
C LEU B 505 -22.69 12.75 30.67
N GLY B 506 -22.13 13.90 30.31
CA GLY B 506 -21.28 14.08 29.11
C GLY B 506 -22.01 13.64 27.86
N VAL B 507 -21.33 12.85 27.04
CA VAL B 507 -21.78 12.44 25.68
C VAL B 507 -22.46 11.06 25.80
N SER B 508 -22.93 10.70 27.00
CA SER B 508 -23.65 9.41 27.26
C SER B 508 -24.94 9.37 26.44
N LYS B 509 -25.55 10.54 26.24
CA LYS B 509 -26.83 10.70 25.52
C LYS B 509 -26.65 10.40 24.03
N ALA B 510 -25.43 10.54 23.49
CA ALA B 510 -25.09 10.21 22.08
C ALA B 510 -24.57 8.78 21.98
N PHE B 511 -23.63 8.40 22.85
CA PHE B 511 -22.91 7.11 22.80
C PHE B 511 -23.91 5.95 22.86
N LYS B 512 -24.81 5.95 23.85
CA LYS B 512 -25.69 4.78 24.15
C LYS B 512 -26.47 4.40 22.90
N PRO B 513 -27.23 5.31 22.26
CA PRO B 513 -27.90 4.99 21.00
C PRO B 513 -26.91 4.51 19.92
N ILE B 514 -25.95 5.36 19.56
CA ILE B 514 -24.98 5.07 18.47
C ILE B 514 -24.49 3.63 18.60
N MET B 515 -23.97 3.26 19.77
CA MET B 515 -23.42 1.89 19.97
C MET B 515 -24.56 0.88 19.86
N GLU B 516 -25.57 1.00 20.74
CA GLU B 516 -26.66 0.02 20.86
C GLU B 516 -27.15 -0.38 19.47
N ASN B 517 -27.50 0.59 18.63
CA ASN B 517 -28.06 0.37 17.27
C ASN B 517 -27.02 -0.29 16.37
N THR B 518 -25.75 0.12 16.50
CA THR B 518 -24.63 -0.38 15.67
C THR B 518 -24.39 -1.85 16.01
N LEU B 519 -24.45 -2.21 17.29
CA LEU B 519 -24.24 -3.60 17.76
C LEU B 519 -25.42 -4.47 17.29
N LYS B 520 -26.65 -3.99 17.44
CA LYS B 520 -27.86 -4.65 16.89
C LYS B 520 -27.67 -4.86 15.38
N TYR B 521 -27.32 -3.80 14.64
CA TYR B 521 -27.15 -3.80 13.16
C TYR B 521 -26.07 -4.80 12.75
N LEU B 522 -25.05 -4.96 13.58
CA LEU B 522 -23.96 -5.95 13.37
C LEU B 522 -24.36 -7.30 14.00
N ASN B 523 -25.57 -7.40 14.56
CA ASN B 523 -26.16 -8.67 15.07
C ASN B 523 -25.24 -9.32 16.13
N VAL B 524 -24.99 -8.63 17.25
CA VAL B 524 -24.19 -9.22 18.38
C VAL B 524 -25.16 -9.71 19.45
N GLY B 525 -24.88 -10.88 20.05
CA GLY B 525 -25.69 -11.52 21.10
C GLY B 525 -25.90 -10.62 22.31
N LYS B 526 -26.94 -10.90 23.12
CA LYS B 526 -27.32 -10.16 24.37
C LYS B 526 -27.30 -11.13 25.56
C YPP C . 5.47 -16.56 -33.08
N YPP C . 7.23 -16.85 -34.80
O YPP C . 5.99 -15.63 -32.55
CA YPP C . 5.81 -16.98 -34.49
CB YPP C . 5.38 -18.44 -34.52
NAE YPP C . 5.31 -19.09 -33.19
CAG YPP C . 6.58 -19.83 -32.99
CAH YPP C . 6.67 -20.58 -34.32
SAI YPP C . 6.39 -19.39 -35.64
CAJ YPP C . 6.43 -20.71 -31.76
OAK YPP C . 7.36 -21.42 -31.50
OAL YPP C . 5.41 -20.71 -31.09
CAM YPP C . 5.66 -21.73 -34.32
CAN YPP C . 8.06 -21.15 -34.64
CAP YPP C . 7.53 -15.98 -35.82
OAQ YPP C . 6.39 -15.39 -36.44
CAR YPP C . 8.96 -15.69 -36.29
CAS YPP C . 9.58 -17.01 -36.60
CAT YPP C . 10.59 -17.48 -35.78
CAU YPP C . 11.15 -18.74 -36.02
CAV YPP C . 10.71 -19.51 -37.08
CAW YPP C . 9.69 -19.01 -37.91
CAX YPP C . 9.12 -17.75 -37.66
NAY YPP C . 8.87 -14.99 -37.54
CAZ YPP C . 8.93 -13.64 -37.43
OBA YPP C . 9.10 -13.24 -36.06
NBB YPP C . 8.84 -12.74 -38.50
CBC YPP C . 8.93 -11.38 -38.22
CBD YPP C . 8.77 -10.44 -39.24
NBE YPP C . 8.59 -10.97 -40.46
CBF YPP C . 8.55 -12.26 -40.86
OBG YPP C . 8.33 -12.79 -42.18
CBH YPP C . 8.68 -13.19 -39.81
OBI YPP C . 8.58 -14.57 -40.17
CBJ YPP C . 8.43 -9.99 -41.56
CBK YPP C . 7.95 -8.57 -41.18
C YPP D . -9.96 14.28 33.34
N YPP D . -10.78 16.34 34.47
O YPP D . -9.65 14.84 32.33
CA YPP D . -10.12 15.04 34.64
CB YPP D . -10.99 14.10 35.47
NAE YPP D . -11.78 13.13 34.67
CAG YPP D . -13.15 13.68 34.51
CAH YPP D . -13.43 14.06 35.98
SAI YPP D . -12.02 15.03 36.60
CAJ YPP D . -14.08 12.60 33.92
OAK YPP D . -13.75 11.47 34.18
OAL YPP D . -15.07 12.79 33.24
CAM YPP D . -13.73 12.76 36.78
CAN YPP D . -14.60 15.06 36.13
CAP YPP D . -10.00 17.42 34.82
OAQ YPP D . -8.71 17.08 35.30
CAR YPP D . -10.48 18.87 34.72
CAS YPP D . -11.76 18.96 35.49
CAT YPP D . -12.94 19.16 34.78
CAU YPP D . -14.15 19.21 35.48
CAV YPP D . -14.18 19.06 36.87
CAW YPP D . -12.97 18.84 37.56
CAX YPP D . -11.75 18.77 36.86
NAY YPP D . -9.35 19.64 35.22
CAZ YPP D . -8.98 20.66 34.40
OBA YPP D . -9.88 20.80 33.31
NBB YPP D . -7.87 21.47 34.62
CBC YPP D . -7.63 22.50 33.70
CBD YPP D . -6.30 23.00 33.59
NBE YPP D . -5.62 22.89 34.75
CBF YPP D . -5.90 22.17 35.84
OBG YPP D . -5.14 22.08 37.05
CBH YPP D . -7.02 21.32 35.71
OBI YPP D . -7.19 20.30 36.68
CBJ YPP D . -4.42 23.76 34.88
CBK YPP D . -3.81 24.34 33.56
#